data_5MKC
#
_entry.id   5MKC
#
_cell.length_a   132.541
_cell.length_b   134.571
_cell.length_c   144.474
_cell.angle_alpha   90.00
_cell.angle_beta   90.00
_cell.angle_gamma   90.00
#
_symmetry.space_group_name_H-M   'P 21 21 21'
#
loop_
_entity.id
_entity.type
_entity.pdbx_description
1 polymer 'Cell wall surface anchor family protein (Jo),Cell wall surface anchor family protein (In)'
2 non-polymer 'SULFATE ION'
3 non-polymer 'NICKEL (II) ION'
4 non-polymer 'CALCIUM ION'
5 water water
#
_entity_poly.entity_id   1
_entity_poly.type   'polypeptide(L)'
_entity_poly.pdbx_seq_one_letter_code
;MGSSHHHHHHSQDPSDQYPQTGTYPDVQTPYQIIKVDGSEKNGQHKALNPNPYERVIPEGTLSKRIYQVNNLDDNQYGIE
LTVSGKTVYEQKDMADLTEKKSIENGTITDPMGELIDLQLGTDGRFDPADYTLTANDGSRLENGQAVGGPQNDGGLLKNA
KVLYDTTEKRIRVTGLYLGTDEKVTLTYNVRLNDEFVSNKFYDTNGRTTLHPKEVEQNTVRDFPIPKIRDVR
;
_entity_poly.pdbx_strand_id   A,B,C,D,E,F
#
# COMPACT_ATOMS: atom_id res chain seq x y z
N TYR A 18 -24.05 -19.13 8.64
CA TYR A 18 -23.19 -17.92 8.79
C TYR A 18 -21.96 -18.21 9.68
N PRO A 19 -20.75 -17.81 9.24
CA PRO A 19 -19.68 -17.76 10.23
C PRO A 19 -20.05 -16.80 11.35
N GLN A 20 -19.72 -17.16 12.57
CA GLN A 20 -20.11 -16.37 13.74
C GLN A 20 -19.02 -15.38 14.14
N THR A 21 -17.77 -15.67 13.75
CA THR A 21 -16.63 -14.86 14.19
C THR A 21 -15.55 -14.66 13.14
N GLY A 22 -14.70 -13.69 13.37
CA GLY A 22 -13.38 -13.65 12.77
C GLY A 22 -12.30 -13.64 13.84
N THR A 23 -11.04 -13.70 13.42
CA THR A 23 -9.94 -13.74 14.36
C THR A 23 -8.94 -12.65 14.04
N TYR A 24 -8.62 -11.82 15.02
CA TYR A 24 -7.52 -10.89 14.89
C TYR A 24 -6.18 -11.65 14.87
N PRO A 25 -5.46 -11.60 13.74
CA PRO A 25 -4.19 -12.31 13.71
C PRO A 25 -3.14 -11.82 14.71
N ASP A 26 -3.12 -10.54 15.04
CA ASP A 26 -2.05 -10.03 15.91
C ASP A 26 -2.09 -10.68 17.29
N VAL A 27 -3.27 -10.83 17.88
CA VAL A 27 -3.37 -11.33 19.25
C VAL A 27 -4.15 -12.65 19.33
N GLN A 28 -4.63 -13.15 18.19
CA GLN A 28 -5.31 -14.44 18.15
C GLN A 28 -6.52 -14.54 19.11
N THR A 29 -7.36 -13.50 19.12
CA THR A 29 -8.64 -13.52 19.82
C THR A 29 -9.78 -13.25 18.83
N PRO A 30 -10.99 -13.78 19.10
CA PRO A 30 -12.10 -13.65 18.17
C PRO A 30 -12.87 -12.33 18.28
N TYR A 31 -13.47 -11.91 17.18
CA TYR A 31 -14.47 -10.84 17.20
C TYR A 31 -15.76 -11.35 16.57
N GLN A 32 -16.89 -10.91 17.09
CA GLN A 32 -18.18 -11.37 16.59
C GLN A 32 -18.50 -10.64 15.29
N ILE A 33 -19.27 -11.29 14.42
CA ILE A 33 -19.76 -10.62 13.21
C ILE A 33 -21.25 -10.84 13.09
N ILE A 34 -21.96 -9.81 12.60
CA ILE A 34 -23.42 -9.84 12.52
C ILE A 34 -23.95 -9.19 11.24
N LYS A 35 -25.23 -9.40 10.99
CA LYS A 35 -25.91 -8.98 9.79
C LYS A 35 -25.73 -7.50 9.58
N VAL A 36 -25.48 -7.13 8.33
CA VAL A 36 -25.44 -5.74 7.89
C VAL A 36 -26.82 -5.27 7.50
N ASP A 37 -27.21 -4.10 7.98
CA ASP A 37 -28.52 -3.59 7.64
CA ASP A 37 -28.47 -3.42 7.63
C ASP A 37 -28.57 -3.26 6.14
N GLY A 38 -29.67 -3.68 5.52
CA GLY A 38 -29.88 -3.52 4.08
C GLY A 38 -29.40 -4.69 3.24
N SER A 39 -28.95 -5.77 3.88
CA SER A 39 -28.36 -6.90 3.16
C SER A 39 -29.28 -8.12 3.08
N GLU A 40 -30.51 -7.98 3.57
CA GLU A 40 -31.47 -9.09 3.51
C GLU A 40 -31.96 -9.35 2.10
N LYS A 41 -32.02 -10.63 1.73
CA LYS A 41 -32.46 -11.06 0.41
C LYS A 41 -32.99 -12.47 0.49
N ASN A 42 -34.28 -12.67 0.17
CA ASN A 42 -34.89 -13.99 0.25
C ASN A 42 -34.68 -14.66 1.60
N GLY A 43 -34.88 -13.93 2.70
CA GLY A 43 -34.79 -14.50 4.03
C GLY A 43 -33.38 -14.82 4.54
N GLN A 44 -32.35 -14.58 3.73
CA GLN A 44 -30.95 -14.72 4.14
C GLN A 44 -30.30 -13.34 4.10
N HIS A 45 -29.23 -13.14 4.86
CA HIS A 45 -28.47 -11.90 4.70
C HIS A 45 -27.15 -12.11 3.97
N LYS A 46 -26.79 -11.13 3.16
CA LYS A 46 -25.65 -11.27 2.24
C LYS A 46 -24.37 -10.61 2.75
N ALA A 47 -24.44 -9.92 3.87
CA ALA A 47 -23.25 -9.24 4.39
C ALA A 47 -23.16 -9.23 5.90
N LEU A 48 -21.93 -9.28 6.40
CA LEU A 48 -21.66 -9.36 7.84
C LEU A 48 -20.59 -8.36 8.24
N ASN A 49 -20.81 -7.68 9.36
CA ASN A 49 -19.88 -6.69 9.90
C ASN A 49 -19.40 -7.14 11.28
N PRO A 50 -18.17 -6.78 11.64
CA PRO A 50 -17.70 -6.97 12.99
C PRO A 50 -18.60 -6.24 13.97
N ASN A 51 -18.75 -6.79 15.17
CA ASN A 51 -19.63 -6.22 16.20
C ASN A 51 -18.97 -6.36 17.57
N PRO A 52 -18.36 -5.26 18.06
CA PRO A 52 -18.37 -3.92 17.48
C PRO A 52 -17.40 -3.81 16.32
N TYR A 53 -17.54 -2.79 15.47
CA TYR A 53 -16.65 -2.60 14.34
C TYR A 53 -15.47 -1.68 14.71
N GLU A 54 -15.54 -1.07 15.89
CA GLU A 54 -14.41 -0.32 16.46
C GLU A 54 -13.61 -1.22 17.40
N ARG A 55 -12.31 -1.05 17.38
CA ARG A 55 -11.39 -1.80 18.25
C ARG A 55 -10.47 -0.83 18.99
N VAL A 56 -10.43 -0.94 20.32
CA VAL A 56 -9.54 -0.09 21.12
C VAL A 56 -8.16 -0.73 21.20
N ILE A 57 -7.16 -0.01 20.68
CA ILE A 57 -5.80 -0.46 20.67
C ILE A 57 -4.93 0.45 21.55
N PRO A 58 -3.70 0.04 21.84
CA PRO A 58 -2.95 0.85 22.80
C PRO A 58 -2.75 2.28 22.34
N GLU A 59 -2.73 2.51 21.03
CA GLU A 59 -2.47 3.81 20.46
C GLU A 59 -3.75 4.66 20.21
N GLY A 60 -4.91 4.05 20.36
CA GLY A 60 -6.17 4.76 20.17
C GLY A 60 -7.28 3.82 19.76
N THR A 61 -7.96 4.18 18.66
CA THR A 61 -9.09 3.37 18.18
C THR A 61 -8.97 3.19 16.69
N LEU A 62 -9.26 1.98 16.22
CA LEU A 62 -9.45 1.79 14.81
C LEU A 62 -10.78 1.11 14.50
N SER A 63 -11.21 1.18 13.25
CA SER A 63 -12.50 0.63 12.86
C SER A 63 -12.53 0.26 11.38
N LYS A 64 -13.31 -0.76 11.07
CA LYS A 64 -13.61 -1.08 9.69
C LYS A 64 -15.00 -1.72 9.58
N ARG A 65 -15.78 -1.29 8.58
CA ARG A 65 -17.12 -1.84 8.34
C ARG A 65 -17.57 -1.58 6.92
N ILE A 66 -18.53 -2.36 6.47
CA ILE A 66 -19.41 -1.98 5.42
C ILE A 66 -20.34 -0.94 5.98
N TYR A 67 -20.33 0.25 5.38
CA TYR A 67 -21.09 1.37 5.92
C TYR A 67 -22.29 1.70 5.07
N GLN A 68 -22.35 1.16 3.86
CA GLN A 68 -23.59 1.21 3.08
C GLN A 68 -23.62 0.12 2.02
N VAL A 69 -24.85 -0.23 1.65
CA VAL A 69 -25.10 -1.13 0.53
C VAL A 69 -25.44 -0.30 -0.70
N ASN A 70 -24.59 -0.31 -1.71
CA ASN A 70 -24.80 0.50 -2.89
C ASN A 70 -25.72 -0.16 -3.88
N ASN A 71 -25.62 -1.48 -4.00
CA ASN A 71 -26.50 -2.25 -4.88
C ASN A 71 -26.47 -3.73 -4.49
N LEU A 72 -27.49 -4.16 -3.76
CA LEU A 72 -27.48 -5.47 -3.12
C LEU A 72 -27.44 -6.58 -4.16
N ASP A 73 -28.27 -6.49 -5.19
CA ASP A 73 -28.34 -7.53 -6.20
C ASP A 73 -27.03 -7.69 -6.92
N ASP A 74 -26.30 -6.59 -7.12
CA ASP A 74 -25.03 -6.65 -7.80
C ASP A 74 -23.83 -6.73 -6.86
N ASN A 75 -24.09 -6.91 -5.57
CA ASN A 75 -23.05 -7.10 -4.57
C ASN A 75 -22.05 -5.94 -4.51
N GLN A 76 -22.57 -4.72 -4.46
CA GLN A 76 -21.75 -3.53 -4.34
C GLN A 76 -21.96 -2.86 -3.01
N TYR A 77 -20.85 -2.50 -2.36
CA TYR A 77 -20.87 -2.02 -0.99
C TYR A 77 -19.88 -0.89 -0.81
N GLY A 78 -20.17 0.02 0.11
CA GLY A 78 -19.16 0.97 0.55
C GLY A 78 -18.46 0.46 1.81
N ILE A 79 -17.13 0.68 1.87
CA ILE A 79 -16.29 0.27 3.00
C ILE A 79 -15.74 1.53 3.69
N GLU A 80 -15.64 1.51 5.02
CA GLU A 80 -15.18 2.66 5.78
C GLU A 80 -14.14 2.20 6.81
N LEU A 81 -13.00 2.88 6.84
CA LEU A 81 -11.98 2.65 7.88
C LEU A 81 -11.82 3.94 8.67
N THR A 82 -11.63 3.83 9.98
CA THR A 82 -11.24 4.99 10.77
C THR A 82 -10.10 4.67 11.70
N VAL A 83 -9.39 5.73 12.08
CA VAL A 83 -8.28 5.64 13.03
CA VAL A 83 -8.28 5.65 13.01
C VAL A 83 -8.24 6.92 13.86
N SER A 84 -8.03 6.79 15.16
CA SER A 84 -7.83 7.95 16.02
C SER A 84 -6.72 7.63 17.01
N GLY A 85 -6.05 8.67 17.52
CA GLY A 85 -4.84 8.48 18.28
C GLY A 85 -4.91 8.80 19.74
N LYS A 86 -3.74 9.07 20.32
CA LYS A 86 -3.60 9.33 21.73
C LYS A 86 -2.43 10.28 21.97
N THR A 87 -2.64 11.30 22.80
CA THR A 87 -1.62 12.24 23.15
C THR A 87 -0.88 11.76 24.40
N VAL A 88 0.44 11.75 24.33
CA VAL A 88 1.29 11.37 25.45
C VAL A 88 2.19 12.53 25.85
N TYR A 89 2.32 12.79 27.14
CA TYR A 89 3.32 13.75 27.62
C TYR A 89 4.50 13.01 28.22
N GLU A 90 5.71 13.52 28.05
CA GLU A 90 6.93 12.76 28.35
C GLU A 90 7.45 13.03 29.76
N THR A 98 6.95 18.07 26.63
CA THR A 98 6.86 17.39 25.33
C THR A 98 5.53 16.63 25.10
N GLU A 99 4.76 17.07 24.11
CA GLU A 99 3.67 16.28 23.56
C GLU A 99 4.19 15.32 22.50
N LYS A 100 3.65 14.12 22.48
CA LYS A 100 3.93 13.18 21.42
C LYS A 100 2.62 12.51 21.03
N LYS A 101 2.56 12.05 19.79
CA LYS A 101 1.37 11.40 19.30
C LYS A 101 1.63 9.92 19.17
N SER A 102 0.63 9.12 19.54
CA SER A 102 0.78 7.68 19.53
C SER A 102 0.83 7.14 18.10
N ILE A 103 0.26 7.88 17.19
CA ILE A 103 0.32 7.55 15.79
C ILE A 103 1.16 8.63 15.11
N GLU A 104 2.30 8.22 14.59
CA GLU A 104 3.36 9.15 14.17
C GLU A 104 3.93 8.62 12.88
N ASN A 105 3.59 9.29 11.78
CA ASN A 105 3.87 8.79 10.45
C ASN A 105 3.43 7.35 10.31
N GLY A 106 2.20 7.07 10.79
CA GLY A 106 1.62 5.75 10.70
C GLY A 106 1.07 5.41 9.32
N THR A 107 0.84 4.12 9.10
CA THR A 107 0.48 3.60 7.78
C THR A 107 -0.62 2.56 7.89
N ILE A 108 -1.66 2.72 7.08
CA ILE A 108 -2.69 1.70 6.89
C ILE A 108 -2.39 0.90 5.63
N THR A 109 -2.42 -0.42 5.76
CA THR A 109 -2.27 -1.33 4.63
C THR A 109 -3.55 -2.15 4.47
N ASP A 110 -4.22 -2.02 3.34
CA ASP A 110 -5.56 -2.57 3.10
C ASP A 110 -5.62 -3.29 1.74
N PRO A 111 -5.21 -4.56 1.70
CA PRO A 111 -5.40 -5.41 0.53
C PRO A 111 -6.85 -5.76 0.29
N MET A 112 -7.28 -5.67 -0.96
CA MET A 112 -8.59 -6.20 -1.30
C MET A 112 -8.59 -7.70 -1.03
N GLY A 113 -9.73 -8.22 -0.59
CA GLY A 113 -9.86 -9.68 -0.42
C GLY A 113 -9.86 -10.40 -1.75
N GLU A 114 -9.63 -11.69 -1.70
CA GLU A 114 -9.75 -12.53 -2.88
C GLU A 114 -11.18 -12.37 -3.42
N LEU A 115 -11.29 -12.19 -4.73
CA LEU A 115 -12.58 -11.99 -5.40
C LEU A 115 -13.30 -10.70 -5.05
N ILE A 116 -12.58 -9.72 -4.49
CA ILE A 116 -13.15 -8.41 -4.20
C ILE A 116 -12.52 -7.37 -5.13
N ASP A 117 -13.33 -6.74 -5.97
CA ASP A 117 -12.85 -5.73 -6.92
C ASP A 117 -13.12 -4.32 -6.43
N LEU A 118 -12.05 -3.56 -6.27
CA LEU A 118 -12.13 -2.17 -5.89
C LEU A 118 -12.74 -1.40 -7.07
N GLN A 119 -13.64 -0.45 -6.79
CA GLN A 119 -14.21 0.32 -7.88
C GLN A 119 -13.29 1.44 -8.28
N LEU A 120 -12.94 1.47 -9.57
CA LEU A 120 -11.88 2.34 -10.07
C LEU A 120 -12.40 3.31 -11.12
N GLY A 121 -11.54 4.20 -11.61
CA GLY A 121 -11.90 5.11 -12.68
C GLY A 121 -12.24 4.42 -13.99
N THR A 122 -12.73 5.21 -14.95
CA THR A 122 -12.75 4.80 -16.36
C THR A 122 -11.35 4.44 -16.85
N ASP A 123 -10.32 5.09 -16.30
CA ASP A 123 -8.93 4.84 -16.67
C ASP A 123 -8.32 3.60 -15.99
N GLY A 124 -9.07 2.89 -15.16
CA GLY A 124 -8.56 1.70 -14.45
C GLY A 124 -7.57 1.98 -13.34
N ARG A 125 -7.45 3.23 -12.88
CA ARG A 125 -6.67 3.58 -11.71
C ARG A 125 -7.54 4.05 -10.54
N PHE A 126 -7.00 3.98 -9.33
CA PHE A 126 -7.71 4.46 -8.15
C PHE A 126 -7.44 5.94 -8.00
N ASP A 127 -8.41 6.76 -8.41
CA ASP A 127 -8.21 8.21 -8.48
C ASP A 127 -8.95 8.90 -7.34
N PRO A 128 -8.65 10.19 -7.10
CA PRO A 128 -9.34 10.90 -6.03
C PRO A 128 -10.88 10.76 -6.02
N ALA A 129 -11.47 10.67 -7.21
CA ALA A 129 -12.91 10.53 -7.31
C ALA A 129 -13.43 9.19 -6.77
N ASP A 130 -12.55 8.22 -6.54
CA ASP A 130 -13.01 6.87 -6.16
C ASP A 130 -12.89 6.57 -4.64
N TYR A 131 -12.48 7.56 -3.87
CA TYR A 131 -12.36 7.42 -2.43
C TYR A 131 -12.58 8.77 -1.74
N THR A 132 -12.84 8.76 -0.43
CA THR A 132 -12.71 9.97 0.36
C THR A 132 -11.76 9.73 1.52
N LEU A 133 -10.94 10.73 1.81
CA LEU A 133 -10.11 10.74 3.01
C LEU A 133 -10.31 12.10 3.67
N THR A 134 -10.91 12.05 4.86
CA THR A 134 -11.34 13.22 5.58
C THR A 134 -10.91 13.08 7.03
N ALA A 135 -10.85 14.19 7.74
CA ALA A 135 -10.45 14.16 9.14
C ALA A 135 -11.32 15.10 9.97
N ASN A 136 -11.34 14.88 11.30
CA ASN A 136 -12.35 15.53 12.14
C ASN A 136 -11.94 16.93 12.54
N ASP A 137 -10.84 17.42 11.98
CA ASP A 137 -10.50 18.85 12.09
C ASP A 137 -11.03 19.62 10.90
N GLY A 138 -11.78 18.93 10.03
CA GLY A 138 -12.32 19.56 8.83
C GLY A 138 -11.36 19.55 7.64
N SER A 139 -10.25 18.84 7.74
CA SER A 139 -9.36 18.69 6.59
C SER A 139 -9.79 17.52 5.72
N ARG A 140 -9.36 17.54 4.46
CA ARG A 140 -9.54 16.41 3.59
C ARG A 140 -8.57 16.43 2.40
N LEU A 141 -8.47 15.31 1.69
CA LEU A 141 -7.78 15.33 0.42
C LEU A 141 -8.76 15.70 -0.67
N GLU A 142 -8.36 16.67 -1.50
CA GLU A 142 -9.13 17.09 -2.64
C GLU A 142 -8.24 16.95 -3.85
N ASN A 143 -8.61 16.03 -4.74
CA ASN A 143 -7.77 15.71 -5.85
C ASN A 143 -6.32 15.43 -5.42
N GLY A 144 -6.12 14.75 -4.30
CA GLY A 144 -4.78 14.41 -3.85
C GLY A 144 -4.10 15.45 -2.97
N GLN A 145 -4.63 16.65 -2.93
CA GLN A 145 -4.04 17.75 -2.13
C GLN A 145 -4.79 17.92 -0.78
N ALA A 146 -4.03 18.06 0.29
CA ALA A 146 -4.61 18.27 1.60
C ALA A 146 -5.11 19.71 1.71
N VAL A 147 -6.37 19.88 2.09
CA VAL A 147 -6.93 21.22 2.25
C VAL A 147 -7.69 21.28 3.54
N GLY A 148 -7.94 22.49 4.00
CA GLY A 148 -8.73 22.71 5.19
C GLY A 148 -7.95 22.53 6.48
N GLY A 149 -8.69 22.26 7.56
CA GLY A 149 -8.16 22.36 8.90
C GLY A 149 -8.28 23.76 9.46
N PRO A 150 -8.13 23.91 10.78
CA PRO A 150 -8.26 25.26 11.35
C PRO A 150 -7.28 26.29 10.78
N GLN A 151 -6.12 25.86 10.27
CA GLN A 151 -5.16 26.82 9.67
C GLN A 151 -5.26 26.86 8.15
N ASN A 152 -6.17 26.08 7.58
CA ASN A 152 -6.30 25.97 6.13
C ASN A 152 -4.97 25.67 5.47
N ASP A 153 -4.27 24.73 6.07
CA ASP A 153 -2.99 24.26 5.57
C ASP A 153 -2.97 22.75 5.32
N GLY A 154 -4.15 22.12 5.28
CA GLY A 154 -4.24 20.67 5.14
C GLY A 154 -4.37 19.94 6.47
N GLY A 155 -4.16 20.66 7.57
CA GLY A 155 -4.47 20.13 8.91
C GLY A 155 -3.94 18.73 9.14
N LEU A 156 -4.77 17.86 9.69
CA LEU A 156 -4.32 16.52 10.08
C LEU A 156 -3.86 15.70 8.90
N LEU A 157 -4.24 16.10 7.70
CA LEU A 157 -3.92 15.30 6.50
C LEU A 157 -2.80 15.93 5.66
N LYS A 158 -2.13 16.95 6.19
CA LYS A 158 -1.02 17.66 5.52
C LYS A 158 -0.06 16.73 4.79
N ASN A 159 0.26 15.61 5.40
CA ASN A 159 1.32 14.71 4.92
C ASN A 159 0.78 13.38 4.47
N ALA A 160 -0.53 13.26 4.36
CA ALA A 160 -1.15 11.99 4.07
C ALA A 160 -1.22 11.75 2.58
N LYS A 161 -1.09 10.49 2.19
CA LYS A 161 -1.28 10.08 0.82
C LYS A 161 -2.07 8.81 0.80
N VAL A 162 -2.85 8.61 -0.27
CA VAL A 162 -3.55 7.36 -0.55
C VAL A 162 -2.95 6.73 -1.81
N LEU A 163 -2.45 5.51 -1.70
CA LEU A 163 -1.72 4.84 -2.78
C LEU A 163 -2.42 3.54 -3.14
N TYR A 164 -2.29 3.13 -4.39
CA TYR A 164 -2.89 1.89 -4.86
C TYR A 164 -1.94 1.30 -5.88
N ASP A 165 -1.81 -0.01 -5.89
CA ASP A 165 -1.14 -0.71 -6.98
C ASP A 165 -2.16 -1.66 -7.66
N THR A 166 -2.31 -1.57 -8.99
CA THR A 166 -3.33 -2.35 -9.71
C THR A 166 -3.01 -3.84 -9.77
N THR A 167 -1.74 -4.18 -9.62
CA THR A 167 -1.33 -5.57 -9.64
C THR A 167 -1.55 -6.22 -8.29
N GLU A 168 -1.07 -5.60 -7.25
CA GLU A 168 -1.20 -6.13 -5.90
C GLU A 168 -2.58 -5.91 -5.31
N LYS A 169 -3.36 -5.01 -5.91
CA LYS A 169 -4.71 -4.75 -5.44
C LYS A 169 -4.78 -4.37 -3.98
N ARG A 170 -4.03 -3.31 -3.65
CA ARG A 170 -3.84 -2.98 -2.25
C ARG A 170 -3.79 -1.47 -2.06
N ILE A 171 -4.61 -0.96 -1.15
CA ILE A 171 -4.58 0.44 -0.81
C ILE A 171 -3.63 0.63 0.36
N ARG A 172 -2.87 1.73 0.33
CA ARG A 172 -2.08 2.14 1.50
C ARG A 172 -2.34 3.61 1.78
N VAL A 173 -2.45 3.97 3.05
CA VAL A 173 -2.54 5.35 3.44
C VAL A 173 -1.30 5.62 4.27
N THR A 174 -0.50 6.58 3.86
CA THR A 174 0.71 6.91 4.60
C THR A 174 0.58 8.31 5.17
N GLY A 175 1.44 8.65 6.12
CA GLY A 175 1.55 10.00 6.62
C GLY A 175 0.54 10.37 7.71
N LEU A 176 0.17 9.42 8.56
CA LEU A 176 -0.80 9.69 9.63
C LEU A 176 -0.12 10.12 10.94
N TYR A 177 -0.52 11.29 11.41
CA TYR A 177 -0.06 11.83 12.67
C TYR A 177 -1.27 12.22 13.55
N LEU A 178 -1.53 11.47 14.62
CA LEU A 178 -2.79 11.59 15.32
C LEU A 178 -2.63 11.40 16.80
N GLY A 179 -3.09 12.40 17.56
CA GLY A 179 -3.20 12.30 19.02
C GLY A 179 -4.64 12.17 19.44
N THR A 180 -4.91 12.50 20.70
CA THR A 180 -6.25 12.37 21.27
C THR A 180 -7.30 13.16 20.50
N ASP A 181 -8.40 12.48 20.16
CA ASP A 181 -9.53 13.08 19.46
C ASP A 181 -9.16 13.65 18.11
N GLU A 182 -8.06 13.14 17.54
CA GLU A 182 -7.72 13.40 16.17
C GLU A 182 -7.98 12.14 15.39
N LYS A 183 -8.90 12.25 14.42
CA LYS A 183 -9.47 11.07 13.77
C LYS A 183 -9.53 11.24 12.26
N VAL A 184 -9.21 10.17 11.54
CA VAL A 184 -9.22 10.17 10.09
C VAL A 184 -10.16 9.06 9.62
N THR A 185 -10.86 9.29 8.51
CA THR A 185 -11.83 8.36 7.95
C THR A 185 -11.55 8.17 6.45
N LEU A 186 -11.45 6.91 6.01
CA LEU A 186 -11.32 6.57 4.59
C LEU A 186 -12.56 5.82 4.13
N THR A 187 -13.08 6.17 2.94
CA THR A 187 -14.17 5.40 2.33
C THR A 187 -13.83 5.06 0.90
N TYR A 188 -14.36 3.94 0.44
CA TYR A 188 -14.24 3.52 -0.99
C TYR A 188 -15.30 2.46 -1.26
N ASN A 189 -15.50 2.09 -2.52
CA ASN A 189 -16.50 1.08 -2.89
C ASN A 189 -15.89 -0.19 -3.49
N VAL A 190 -16.55 -1.33 -3.27
CA VAL A 190 -16.10 -2.61 -3.78
C VAL A 190 -17.27 -3.36 -4.38
N ARG A 191 -16.95 -4.42 -5.13
CA ARG A 191 -17.94 -5.30 -5.74
C ARG A 191 -17.42 -6.75 -5.71
N LEU A 192 -18.31 -7.68 -5.40
CA LEU A 192 -17.96 -9.10 -5.45
C LEU A 192 -17.74 -9.52 -6.88
N ASN A 193 -16.61 -10.16 -7.15
CA ASN A 193 -16.30 -10.64 -8.52
C ASN A 193 -17.29 -11.70 -8.97
N ASP A 194 -17.56 -11.74 -10.28
CA ASP A 194 -18.52 -12.70 -10.83
C ASP A 194 -18.14 -14.17 -10.65
N GLU A 195 -16.89 -14.47 -10.31
CA GLU A 195 -16.46 -15.88 -10.18
C GLU A 195 -16.71 -16.42 -8.77
N PHE A 196 -17.51 -15.70 -7.99
CA PHE A 196 -17.88 -16.16 -6.64
C PHE A 196 -18.53 -17.54 -6.68
N VAL A 197 -18.27 -18.32 -5.64
CA VAL A 197 -18.99 -19.55 -5.39
C VAL A 197 -20.24 -19.20 -4.59
N SER A 198 -21.37 -19.77 -4.99
CA SER A 198 -22.63 -19.59 -4.27
C SER A 198 -22.54 -19.95 -2.80
N ASN A 199 -23.08 -19.06 -1.97
CA ASN A 199 -23.22 -19.27 -0.52
C ASN A 199 -21.94 -19.13 0.26
N LYS A 200 -20.82 -18.95 -0.42
CA LYS A 200 -19.57 -18.78 0.29
C LYS A 200 -19.42 -17.32 0.70
N PHE A 201 -19.13 -17.07 1.97
CA PHE A 201 -18.72 -15.73 2.40
C PHE A 201 -17.27 -15.43 2.03
N TYR A 202 -17.02 -14.23 1.53
CA TYR A 202 -15.67 -13.75 1.20
C TYR A 202 -15.33 -12.54 2.06
N ASP A 203 -14.17 -12.56 2.71
CA ASP A 203 -13.68 -11.36 3.41
C ASP A 203 -13.55 -10.23 2.42
N THR A 204 -13.99 -9.04 2.79
CA THR A 204 -13.86 -7.90 1.87
C THR A 204 -12.41 -7.47 1.70
N ASN A 205 -11.58 -7.76 2.72
CA ASN A 205 -10.18 -7.37 2.70
C ASN A 205 -9.28 -8.55 3.02
N GLY A 206 -8.04 -8.49 2.57
CA GLY A 206 -6.98 -9.30 3.17
C GLY A 206 -6.63 -8.77 4.56
N ARG A 207 -5.51 -9.20 5.08
CA ARG A 207 -5.11 -8.74 6.41
C ARG A 207 -4.92 -7.22 6.34
N THR A 208 -5.68 -6.50 7.16
CA THR A 208 -5.71 -5.06 7.13
C THR A 208 -5.13 -4.51 8.41
N THR A 209 -4.11 -3.67 8.28
CA THR A 209 -3.29 -3.30 9.46
C THR A 209 -3.03 -1.82 9.57
N LEU A 210 -2.80 -1.38 10.79
CA LEU A 210 -2.20 -0.08 11.10
C LEU A 210 -0.80 -0.30 11.70
N HIS A 211 0.22 0.31 11.11
CA HIS A 211 1.52 0.50 11.78
C HIS A 211 1.56 1.88 12.38
N PRO A 212 1.34 2.00 13.68
CA PRO A 212 1.10 3.34 14.21
C PRO A 212 2.32 4.25 14.18
N LYS A 213 3.52 3.70 14.28
CA LYS A 213 4.72 4.52 14.51
C LYS A 213 5.84 4.11 13.56
N GLU A 214 6.35 5.04 12.78
CA GLU A 214 7.53 4.77 11.94
C GLU A 214 8.73 4.34 12.80
N VAL A 215 8.81 4.81 14.04
CA VAL A 215 9.93 4.43 14.91
C VAL A 215 9.81 2.99 15.44
N GLU A 216 8.64 2.41 15.37
CA GLU A 216 8.43 1.02 15.79
C GLU A 216 8.03 0.17 14.58
N GLN A 217 9.02 -0.36 13.88
CA GLN A 217 8.74 -0.98 12.57
C GLN A 217 7.94 -2.28 12.72
N ASN A 218 8.08 -2.96 13.86
CA ASN A 218 7.39 -4.25 14.05
C ASN A 218 6.05 -4.19 14.77
N THR A 219 5.61 -3.03 15.23
CA THR A 219 4.30 -2.91 15.87
C THR A 219 3.20 -2.76 14.85
N VAL A 220 2.31 -3.75 14.86
CA VAL A 220 1.21 -3.82 13.92
C VAL A 220 -0.10 -4.11 14.67
N ARG A 221 -1.18 -3.46 14.21
CA ARG A 221 -2.52 -3.65 14.78
C ARG A 221 -3.52 -3.98 13.69
N ASP A 222 -4.27 -5.06 13.88
CA ASP A 222 -5.26 -5.48 12.89
C ASP A 222 -6.59 -4.74 13.00
N PHE A 223 -7.15 -4.39 11.85
CA PHE A 223 -8.56 -4.03 11.71
C PHE A 223 -9.37 -5.32 11.56
N PRO A 224 -10.62 -5.33 12.06
CA PRO A 224 -11.54 -6.46 11.79
C PRO A 224 -12.08 -6.39 10.36
N ILE A 225 -12.55 -7.54 9.85
CA ILE A 225 -12.87 -7.67 8.43
C ILE A 225 -14.33 -8.07 8.18
N PRO A 226 -15.09 -7.26 7.44
CA PRO A 226 -16.43 -7.63 7.00
C PRO A 226 -16.42 -8.74 5.98
N LYS A 227 -17.56 -9.37 5.73
CA LYS A 227 -17.67 -10.46 4.75
C LYS A 227 -18.95 -10.31 3.94
N ILE A 228 -18.89 -10.76 2.68
CA ILE A 228 -20.03 -10.74 1.80
C ILE A 228 -20.13 -12.02 0.98
N ARG A 229 -21.36 -12.30 0.53
CA ARG A 229 -21.62 -13.42 -0.35
C ARG A 229 -22.76 -13.07 -1.29
N ASP A 230 -22.95 -13.89 -2.30
CA ASP A 230 -24.16 -13.87 -3.09
C ASP A 230 -24.79 -15.25 -3.08
N VAL A 231 -26.08 -15.35 -3.33
CA VAL A 231 -26.63 -16.59 -3.95
C VAL A 231 -26.65 -16.41 -5.48
N TYR B 18 -36.23 5.86 1.84
CA TYR B 18 -35.55 6.47 3.03
C TYR B 18 -34.34 7.29 2.57
N PRO B 19 -34.18 8.52 3.08
CA PRO B 19 -32.86 9.14 2.92
C PRO B 19 -31.80 8.27 3.57
N GLN B 20 -30.63 8.17 2.93
CA GLN B 20 -29.56 7.30 3.41
C GLN B 20 -28.58 8.05 4.29
N THR B 21 -28.53 9.38 4.14
CA THR B 21 -27.52 10.19 4.82
C THR B 21 -28.03 11.55 5.26
N GLY B 22 -27.26 12.17 6.13
CA GLY B 22 -27.33 13.60 6.40
C GLY B 22 -25.96 14.18 6.17
N THR B 23 -25.87 15.51 6.22
CA THR B 23 -24.61 16.20 6.00
C THR B 23 -24.34 17.14 7.16
N TYR B 24 -23.16 17.01 7.76
CA TYR B 24 -22.70 17.95 8.75
C TYR B 24 -22.42 19.30 8.05
N PRO B 25 -23.14 20.36 8.44
CA PRO B 25 -22.87 21.66 7.84
C PRO B 25 -21.45 22.18 8.10
N ASP B 26 -20.88 21.92 9.28
CA ASP B 26 -19.58 22.51 9.60
C ASP B 26 -18.49 22.09 8.60
N VAL B 27 -18.44 20.81 8.26
CA VAL B 27 -17.36 20.29 7.41
C VAL B 27 -17.85 19.75 6.08
N GLN B 28 -19.18 19.73 5.87
CA GLN B 28 -19.75 19.28 4.60
C GLN B 28 -19.36 17.85 4.23
N THR B 29 -19.38 16.94 5.21
CA THR B 29 -19.20 15.49 4.96
C THR B 29 -20.44 14.72 5.43
N PRO B 30 -20.74 13.55 4.83
CA PRO B 30 -21.98 12.83 5.16
C PRO B 30 -21.88 11.96 6.41
N TYR B 31 -23.03 11.73 7.07
CA TYR B 31 -23.17 10.65 8.06
C TYR B 31 -24.32 9.73 7.68
N GLN B 32 -24.16 8.44 7.94
CA GLN B 32 -25.20 7.48 7.64
C GLN B 32 -26.33 7.55 8.66
N ILE B 33 -27.53 7.20 8.22
CA ILE B 33 -28.66 7.07 9.12
C ILE B 33 -29.37 5.75 8.87
N ILE B 34 -29.91 5.15 9.93
CA ILE B 34 -30.59 3.85 9.83
C ILE B 34 -31.80 3.74 10.77
N LYS B 35 -32.56 2.68 10.58
CA LYS B 35 -33.79 2.42 11.30
C LYS B 35 -33.58 2.52 12.80
N VAL B 36 -34.55 3.14 13.47
CA VAL B 36 -34.62 3.17 14.91
C VAL B 36 -35.38 1.97 15.45
N ASP B 37 -34.82 1.32 16.47
CA ASP B 37 -35.46 0.15 17.04
CA ASP B 37 -35.43 0.17 17.14
C ASP B 37 -36.78 0.59 17.69
N GLY B 38 -37.82 -0.19 17.40
CA GLY B 38 -39.17 0.09 17.91
C GLY B 38 -39.99 1.01 17.01
N SER B 39 -39.50 1.31 15.81
CA SER B 39 -40.19 2.25 14.92
C SER B 39 -40.89 1.57 13.75
N GLU B 40 -40.86 0.25 13.70
CA GLU B 40 -41.53 -0.47 12.60
C GLU B 40 -43.05 -0.40 12.69
N LYS B 41 -43.69 -0.14 11.55
CA LYS B 41 -45.15 -0.05 11.47
C LYS B 41 -45.58 -0.43 10.06
N ASN B 42 -46.33 -1.54 9.95
CA ASN B 42 -46.82 -2.00 8.65
C ASN B 42 -45.71 -2.13 7.62
N GLY B 43 -44.61 -2.77 8.01
CA GLY B 43 -43.51 -3.05 7.11
C GLY B 43 -42.61 -1.87 6.72
N GLN B 44 -42.93 -0.67 7.20
CA GLN B 44 -42.06 0.50 7.02
C GLN B 44 -41.54 0.95 8.39
N HIS B 45 -40.40 1.63 8.43
CA HIS B 45 -39.99 2.22 9.71
C HIS B 45 -40.20 3.74 9.73
N LYS B 46 -40.56 4.24 10.89
CA LYS B 46 -40.99 5.62 11.03
C LYS B 46 -39.89 6.54 11.55
N ALA B 47 -38.74 6.00 11.94
CA ALA B 47 -37.69 6.83 12.49
C ALA B 47 -36.28 6.40 12.10
N LEU B 48 -35.36 7.35 12.04
CA LEU B 48 -34.00 7.11 11.59
C LEU B 48 -33.02 7.80 12.53
N ASN B 49 -31.94 7.08 12.89
CA ASN B 49 -30.88 7.62 13.74
C ASN B 49 -29.58 7.64 12.97
N PRO B 50 -28.71 8.62 13.29
CA PRO B 50 -27.35 8.58 12.79
C PRO B 50 -26.67 7.28 13.22
N ASN B 51 -25.78 6.76 12.39
CA ASN B 51 -25.12 5.51 12.62
C ASN B 51 -23.63 5.60 12.20
N PRO B 52 -22.74 5.80 13.17
CA PRO B 52 -22.98 5.85 14.61
C PRO B 52 -23.58 7.20 15.03
N TYR B 53 -24.18 7.25 16.23
CA TYR B 53 -24.80 8.46 16.70
C TYR B 53 -23.83 9.33 17.51
N GLU B 54 -22.65 8.77 17.77
CA GLU B 54 -21.54 9.50 18.39
C GLU B 54 -20.60 10.03 17.33
N ARG B 55 -20.14 11.27 17.52
CA ARG B 55 -19.19 11.90 16.61
C ARG B 55 -17.97 12.40 17.39
N VAL B 56 -16.77 12.01 16.96
CA VAL B 56 -15.56 12.44 17.63
C VAL B 56 -15.12 13.79 17.07
N ILE B 57 -15.05 14.82 17.93
CA ILE B 57 -14.62 16.15 17.53
C ILE B 57 -13.31 16.54 18.20
N PRO B 58 -12.68 17.63 17.76
CA PRO B 58 -11.38 17.92 18.35
C PRO B 58 -11.43 18.09 19.87
N GLU B 59 -12.57 18.52 20.40
CA GLU B 59 -12.71 18.79 21.82
C GLU B 59 -13.22 17.61 22.65
N GLY B 60 -13.56 16.51 21.97
CA GLY B 60 -14.09 15.35 22.67
C GLY B 60 -15.07 14.57 21.81
N THR B 61 -16.23 14.25 22.37
CA THR B 61 -17.23 13.45 21.67
C THR B 61 -18.58 14.07 21.90
N LEU B 62 -19.40 14.08 20.87
CA LEU B 62 -20.79 14.46 21.03
C LEU B 62 -21.69 13.43 20.39
N SER B 63 -22.97 13.45 20.80
CA SER B 63 -23.93 12.47 20.33
C SER B 63 -25.34 13.00 20.37
N LYS B 64 -26.14 12.54 19.42
CA LYS B 64 -27.56 12.81 19.41
C LYS B 64 -28.31 11.65 18.75
N ARG B 65 -29.40 11.23 19.40
CA ARG B 65 -30.23 10.15 18.89
C ARG B 65 -31.63 10.23 19.47
N ILE B 66 -32.56 9.59 18.77
CA ILE B 66 -33.77 9.15 19.38
C ILE B 66 -33.40 7.96 20.25
N TYR B 67 -33.67 8.05 21.56
CA TYR B 67 -33.24 7.02 22.50
C TYR B 67 -34.38 6.17 23.01
N GLN B 68 -35.61 6.61 22.78
CA GLN B 68 -36.77 5.77 23.02
C GLN B 68 -37.98 6.24 22.25
N VAL B 69 -38.85 5.28 21.99
CA VAL B 69 -40.14 5.52 21.36
C VAL B 69 -41.21 5.55 22.46
N ASN B 70 -41.78 6.72 22.71
CA ASN B 70 -42.75 6.87 23.79
C ASN B 70 -44.14 6.43 23.36
N ASN B 71 -44.49 6.71 22.11
CA ASN B 71 -45.77 6.27 21.53
C ASN B 71 -45.71 6.34 20.00
N LEU B 72 -45.52 5.18 19.37
CA LEU B 72 -45.23 5.12 17.96
C LEU B 72 -46.37 5.68 17.12
N ASP B 73 -47.58 5.24 17.41
CA ASP B 73 -48.74 5.68 16.65
C ASP B 73 -48.96 7.17 16.74
N ASP B 74 -48.65 7.75 17.88
CA ASP B 74 -48.80 9.18 18.04
C ASP B 74 -47.53 10.00 17.75
N ASN B 75 -46.50 9.33 17.24
CA ASN B 75 -45.24 9.97 16.87
C ASN B 75 -44.58 10.73 18.01
N GLN B 76 -44.48 10.08 19.16
CA GLN B 76 -43.81 10.64 20.33
C GLN B 76 -42.53 9.89 20.61
N TYR B 77 -41.46 10.66 20.84
CA TYR B 77 -40.14 10.10 20.96
C TYR B 77 -39.33 10.83 22.03
N GLY B 78 -38.39 10.13 22.64
CA GLY B 78 -37.39 10.77 23.50
C GLY B 78 -36.13 11.02 22.75
N ILE B 79 -35.54 12.19 22.99
CA ILE B 79 -34.32 12.60 22.32
C ILE B 79 -33.21 12.72 23.38
N GLU B 80 -31.99 12.34 23.01
CA GLU B 80 -30.86 12.36 23.94
C GLU B 80 -29.67 12.99 23.26
N LEU B 81 -29.07 13.96 23.94
CA LEU B 81 -27.81 14.56 23.50
C LEU B 81 -26.76 14.29 24.56
N THR B 82 -25.54 13.99 24.15
CA THR B 82 -24.42 13.91 25.11
C THR B 82 -23.21 14.66 24.57
N VAL B 83 -22.35 15.04 25.52
CA VAL B 83 -21.10 15.72 25.24
C VAL B 83 -20.08 15.28 26.27
N SER B 84 -18.89 14.97 25.81
CA SER B 84 -17.78 14.75 26.71
C SER B 84 -16.56 15.50 26.19
N GLY B 85 -15.66 15.84 27.10
CA GLY B 85 -14.57 16.76 26.80
C GLY B 85 -13.19 16.12 26.70
N LYS B 86 -12.19 16.96 26.89
CA LYS B 86 -10.82 16.56 26.77
C LYS B 86 -9.98 17.42 27.68
N THR B 87 -9.07 16.77 28.41
CA THR B 87 -8.15 17.47 29.30
C THR B 87 -6.89 17.79 28.53
N VAL B 88 -6.44 19.02 28.61
CA VAL B 88 -5.20 19.44 27.95
C VAL B 88 -4.20 19.93 29.00
N TYR B 89 -2.96 19.48 28.90
CA TYR B 89 -1.91 20.00 29.77
C TYR B 89 -1.05 20.98 28.97
N GLU B 90 -0.60 22.05 29.64
CA GLU B 90 -0.02 23.20 28.95
C GLU B 90 1.50 23.10 28.84
N THR B 98 -0.32 22.86 34.51
CA THR B 98 -1.67 23.36 34.19
C THR B 98 -2.57 22.39 33.42
N GLU B 99 -3.67 21.98 34.05
CA GLU B 99 -4.78 21.34 33.35
C GLU B 99 -5.71 22.41 32.81
N LYS B 100 -6.25 22.19 31.62
CA LYS B 100 -7.29 23.04 31.06
C LYS B 100 -8.31 22.12 30.40
N LYS B 101 -9.55 22.56 30.32
CA LYS B 101 -10.58 21.74 29.71
C LYS B 101 -10.93 22.24 28.32
N SER B 102 -11.14 21.32 27.39
CA SER B 102 -11.43 21.66 26.01
C SER B 102 -12.80 22.31 25.90
N ILE B 103 -13.68 21.96 26.82
CA ILE B 103 -15.00 22.55 26.86
C ILE B 103 -15.08 23.38 28.13
N GLU B 104 -15.25 24.69 27.94
CA GLU B 104 -15.03 25.66 29.01
C GLU B 104 -16.09 26.72 28.88
N ASN B 105 -17.07 26.69 29.77
CA ASN B 105 -18.30 27.45 29.61
C ASN B 105 -18.89 27.26 28.23
N GLY B 106 -18.97 26.00 27.78
CA GLY B 106 -19.56 25.68 26.50
C GLY B 106 -21.07 25.68 26.46
N THR B 107 -21.62 25.68 25.24
CA THR B 107 -23.05 25.87 25.01
C THR B 107 -23.55 24.93 23.93
N ILE B 108 -24.64 24.22 24.23
CA ILE B 108 -25.39 23.47 23.24
C ILE B 108 -26.59 24.28 22.81
N THR B 109 -26.80 24.34 21.49
CA THR B 109 -27.91 25.05 20.89
C THR B 109 -28.69 24.06 20.06
N ASP B 110 -29.96 23.86 20.41
CA ASP B 110 -30.75 22.76 19.88
C ASP B 110 -32.15 23.26 19.51
N PRO B 111 -32.30 23.81 18.28
CA PRO B 111 -33.61 24.17 17.74
C PRO B 111 -34.44 22.95 17.42
N MET B 112 -35.71 23.00 17.79
CA MET B 112 -36.64 21.96 17.35
C MET B 112 -36.73 22.07 15.84
N GLY B 113 -36.90 20.93 15.18
CA GLY B 113 -37.13 20.91 13.75
C GLY B 113 -38.49 21.47 13.40
N GLU B 114 -38.65 21.76 12.12
CA GLU B 114 -39.94 22.14 11.58
C GLU B 114 -40.97 21.06 11.94
N LEU B 115 -42.12 21.49 12.45
CA LEU B 115 -43.21 20.58 12.82
C LEU B 115 -42.86 19.59 13.93
N ILE B 116 -41.86 19.92 14.73
CA ILE B 116 -41.48 19.10 15.90
C ILE B 116 -41.80 19.89 17.16
N ASP B 117 -42.71 19.37 17.97
CA ASP B 117 -43.15 20.07 19.18
C ASP B 117 -42.51 19.48 20.44
N LEU B 118 -41.78 20.31 21.16
CA LEU B 118 -41.27 19.96 22.47
C LEU B 118 -42.41 19.72 23.46
N GLN B 119 -42.34 18.68 24.27
CA GLN B 119 -43.40 18.43 25.23
C GLN B 119 -43.19 19.26 26.48
N LEU B 120 -44.21 20.06 26.82
CA LEU B 120 -44.11 20.98 27.96
C LEU B 120 -45.07 20.65 29.13
N GLY B 121 -45.76 19.53 29.02
CA GLY B 121 -46.72 19.12 30.04
C GLY B 121 -47.94 20.03 30.08
N THR B 122 -48.76 19.81 31.10
CA THR B 122 -50.06 20.44 31.26
C THR B 122 -50.01 21.95 31.18
N ASP B 123 -49.04 22.54 31.88
CA ASP B 123 -49.00 23.98 32.02
C ASP B 123 -48.47 24.73 30.79
N GLY B 124 -47.99 24.02 29.76
CA GLY B 124 -47.45 24.65 28.55
C GLY B 124 -46.18 25.49 28.76
N ARG B 125 -45.47 25.26 29.85
CA ARG B 125 -44.24 25.97 30.17
C ARG B 125 -43.07 25.01 30.33
N PHE B 126 -41.85 25.51 30.09
CA PHE B 126 -40.67 24.68 30.10
C PHE B 126 -40.13 24.59 31.52
N ASP B 127 -40.42 23.47 32.19
CA ASP B 127 -40.10 23.29 33.59
C ASP B 127 -39.04 22.20 33.73
N PRO B 128 -38.40 22.14 34.91
CA PRO B 128 -37.56 20.99 35.28
C PRO B 128 -38.17 19.61 34.96
N ALA B 129 -39.48 19.51 35.09
CA ALA B 129 -40.18 18.26 34.80
C ALA B 129 -40.09 17.83 33.33
N ASP B 130 -39.72 18.74 32.43
CA ASP B 130 -39.75 18.47 30.99
C ASP B 130 -38.41 18.11 30.34
N TYR B 131 -37.37 18.03 31.17
CA TYR B 131 -36.07 17.55 30.69
C TYR B 131 -35.33 16.85 31.82
N THR B 132 -34.29 16.10 31.47
CA THR B 132 -33.25 15.75 32.45
C THR B 132 -31.87 16.22 31.96
N LEU B 133 -31.07 16.70 32.90
CA LEU B 133 -29.66 16.97 32.66
C LEU B 133 -28.87 16.32 33.79
N THR B 134 -28.06 15.33 33.39
CA THR B 134 -27.30 14.53 34.33
C THR B 134 -25.86 14.46 33.85
N ALA B 135 -24.95 14.12 34.76
CA ALA B 135 -23.56 13.97 34.40
C ALA B 135 -22.96 12.73 35.07
N ASN B 136 -21.87 12.24 34.50
CA ASN B 136 -21.35 10.93 34.87
C ASN B 136 -20.52 10.97 36.14
N ASP B 137 -20.48 12.12 36.81
CA ASP B 137 -19.96 12.18 38.18
C ASP B 137 -21.06 11.97 39.20
N GLY B 138 -22.27 11.68 38.73
CA GLY B 138 -23.42 11.47 39.61
C GLY B 138 -24.17 12.76 39.96
N SER B 139 -23.80 13.88 39.33
CA SER B 139 -24.55 15.10 39.53
C SER B 139 -25.75 15.18 38.59
N ARG B 140 -26.71 16.04 38.94
CA ARG B 140 -27.83 16.33 38.06
C ARG B 140 -28.49 17.67 38.43
N LEU B 141 -29.29 18.20 37.51
CA LEU B 141 -30.19 19.29 37.85
C LEU B 141 -31.48 18.70 38.40
N GLU B 142 -31.89 19.19 39.56
CA GLU B 142 -33.10 18.73 40.21
C GLU B 142 -33.91 19.95 40.52
N ASN B 143 -35.06 20.07 39.86
CA ASN B 143 -35.86 21.27 39.98
C ASN B 143 -35.01 22.54 39.79
N GLY B 144 -34.12 22.52 38.80
CA GLY B 144 -33.32 23.69 38.46
C GLY B 144 -32.00 23.78 39.19
N GLN B 145 -31.87 23.07 40.31
CA GLN B 145 -30.68 23.15 41.15
C GLN B 145 -29.68 22.02 40.93
N ALA B 146 -28.41 22.37 40.85
CA ALA B 146 -27.37 21.34 40.68
C ALA B 146 -27.18 20.62 42.01
N VAL B 147 -27.32 19.30 42.03
CA VAL B 147 -27.09 18.55 43.23
C VAL B 147 -26.22 17.34 42.91
N GLY B 148 -25.67 16.74 43.95
CA GLY B 148 -24.88 15.53 43.81
C GLY B 148 -23.45 15.82 43.42
N GLY B 149 -22.81 14.81 42.85
CA GLY B 149 -21.37 14.84 42.63
C GLY B 149 -20.65 14.27 43.83
N PRO B 150 -19.36 13.94 43.66
CA PRO B 150 -18.63 13.38 44.79
C PRO B 150 -18.53 14.34 46.00
N GLN B 151 -18.65 15.64 45.79
CA GLN B 151 -18.60 16.60 46.92
C GLN B 151 -20.01 17.06 47.33
N ASN B 152 -21.05 16.52 46.70
CA ASN B 152 -22.43 16.93 46.98
C ASN B 152 -22.62 18.44 46.90
N ASP B 153 -22.03 19.04 45.87
CA ASP B 153 -22.11 20.46 45.65
C ASP B 153 -22.59 20.80 44.24
N GLY B 154 -23.13 19.81 43.53
CA GLY B 154 -23.56 19.99 42.14
C GLY B 154 -22.53 19.59 41.10
N GLY B 155 -21.29 19.34 41.55
CA GLY B 155 -20.28 18.72 40.69
C GLY B 155 -20.18 19.35 39.31
N LEU B 156 -20.15 18.52 38.27
CA LEU B 156 -19.94 18.99 36.91
C LEU B 156 -21.01 19.97 36.45
N LEU B 157 -22.17 19.96 37.11
CA LEU B 157 -23.30 20.74 36.65
C LEU B 157 -23.56 21.98 37.52
N LYS B 158 -22.62 22.28 38.43
CA LYS B 158 -22.65 23.48 39.29
C LYS B 158 -23.10 24.75 38.57
N ASN B 159 -22.68 24.93 37.33
CA ASN B 159 -22.89 26.17 36.60
C ASN B 159 -23.78 25.99 35.39
N ALA B 160 -24.41 24.82 35.27
CA ALA B 160 -25.14 24.52 34.06
C ALA B 160 -26.58 25.00 34.16
N LYS B 161 -27.14 25.40 33.03
CA LYS B 161 -28.55 25.75 32.95
C LYS B 161 -29.13 25.17 31.68
N VAL B 162 -30.41 24.84 31.71
CA VAL B 162 -31.15 24.44 30.51
C VAL B 162 -32.26 25.45 30.26
N LEU B 163 -32.27 26.07 29.09
CA LEU B 163 -33.20 27.16 28.78
C LEU B 163 -34.04 26.80 27.56
N TYR B 164 -35.25 27.30 27.49
CA TYR B 164 -36.04 27.17 26.27
C TYR B 164 -36.49 28.53 25.81
N ASP B 165 -36.23 28.81 24.54
CA ASP B 165 -36.52 30.11 23.96
C ASP B 165 -37.78 29.92 23.13
N THR B 166 -38.87 30.53 23.58
CA THR B 166 -40.21 30.17 23.09
C THR B 166 -40.46 30.72 21.68
N THR B 167 -39.72 31.75 21.29
CA THR B 167 -39.87 32.33 19.97
C THR B 167 -39.14 31.51 18.93
N GLU B 168 -37.87 31.22 19.17
CA GLU B 168 -37.10 30.44 18.22
C GLU B 168 -37.34 28.93 18.36
N LYS B 169 -38.04 28.54 19.42
CA LYS B 169 -38.39 27.12 19.65
C LYS B 169 -37.12 26.28 19.77
N ARG B 170 -36.30 26.65 20.75
CA ARG B 170 -34.97 26.12 20.83
C ARG B 170 -34.52 25.97 22.28
N ILE B 171 -33.92 24.82 22.55
CA ILE B 171 -33.29 24.54 23.82
C ILE B 171 -31.84 25.00 23.78
N ARG B 172 -31.37 25.58 24.88
CA ARG B 172 -29.94 25.84 25.06
C ARG B 172 -29.47 25.31 26.39
N VAL B 173 -28.28 24.70 26.40
CA VAL B 173 -27.64 24.30 27.63
C VAL B 173 -26.38 25.12 27.77
N THR B 174 -26.28 25.88 28.84
CA THR B 174 -25.12 26.74 29.05
C THR B 174 -24.35 26.24 30.25
N GLY B 175 -23.10 26.68 30.38
CA GLY B 175 -22.30 26.41 31.58
C GLY B 175 -21.63 25.05 31.63
N LEU B 176 -21.20 24.54 30.48
CA LEU B 176 -20.54 23.24 30.42
C LEU B 176 -19.02 23.39 30.57
N TYR B 177 -18.48 22.69 31.57
CA TYR B 177 -17.05 22.61 31.78
C TYR B 177 -16.59 21.15 31.88
N LEU B 178 -15.93 20.66 30.85
CA LEU B 178 -15.74 19.22 30.69
C LEU B 178 -14.37 18.87 30.14
N GLY B 179 -13.66 18.01 30.87
CA GLY B 179 -12.42 17.40 30.40
C GLY B 179 -12.62 15.94 30.05
N THR B 180 -11.52 15.21 30.02
CA THR B 180 -11.54 13.79 29.67
C THR B 180 -12.45 12.98 30.57
N ASP B 181 -13.34 12.20 29.94
CA ASP B 181 -14.26 11.30 30.62
C ASP B 181 -15.21 12.02 31.56
N GLU B 182 -15.38 13.31 31.31
CA GLU B 182 -16.44 14.08 31.95
C GLU B 182 -17.53 14.29 30.90
N LYS B 183 -18.72 13.77 31.22
CA LYS B 183 -19.77 13.61 30.24
C LYS B 183 -21.12 14.03 30.79
N VAL B 184 -21.86 14.76 29.96
CA VAL B 184 -23.15 15.30 30.33
C VAL B 184 -24.18 14.80 29.33
N THR B 185 -25.38 14.53 29.81
CA THR B 185 -26.47 13.97 29.00
C THR B 185 -27.74 14.79 29.22
N LEU B 186 -28.35 15.21 28.12
CA LEU B 186 -29.64 15.91 28.12
C LEU B 186 -30.70 15.03 27.48
N THR B 187 -31.87 14.93 28.11
CA THR B 187 -33.01 14.26 27.47
C THR B 187 -34.24 15.15 27.53
N TYR B 188 -35.12 14.94 26.57
CA TYR B 188 -36.42 15.61 26.50
C TYR B 188 -37.29 14.84 25.49
N ASN B 189 -38.57 15.16 25.44
CA ASN B 189 -39.52 14.46 24.57
C ASN B 189 -40.15 15.39 23.53
N VAL B 190 -40.48 14.82 22.38
CA VAL B 190 -41.04 15.58 21.29
C VAL B 190 -42.18 14.80 20.67
N ARG B 191 -42.96 15.53 19.87
CA ARG B 191 -44.06 14.94 19.11
C ARG B 191 -44.14 15.58 17.73
N LEU B 192 -44.40 14.76 16.71
CA LEU B 192 -44.64 15.28 15.37
C LEU B 192 -45.96 16.06 15.37
N ASN B 193 -45.93 17.26 14.83
CA ASN B 193 -47.14 18.09 14.72
C ASN B 193 -48.18 17.47 13.79
N ASP B 194 -49.46 17.69 14.07
CA ASP B 194 -50.53 17.08 13.26
C ASP B 194 -50.59 17.59 11.81
N GLU B 195 -49.94 18.70 11.50
CA GLU B 195 -49.85 19.19 10.12
C GLU B 195 -48.86 18.44 9.21
N PHE B 196 -48.33 17.32 9.68
CA PHE B 196 -47.34 16.58 8.89
C PHE B 196 -47.90 16.12 7.54
N VAL B 197 -47.02 16.09 6.55
CA VAL B 197 -47.33 15.47 5.27
C VAL B 197 -46.98 13.98 5.36
N SER B 198 -47.87 13.12 4.89
CA SER B 198 -47.59 11.69 4.75
C SER B 198 -46.29 11.35 4.03
N ASN B 199 -45.53 10.44 4.63
CA ASN B 199 -44.30 9.89 4.04
C ASN B 199 -43.10 10.81 4.06
N LYS B 200 -43.28 12.06 4.47
CA LYS B 200 -42.18 12.97 4.52
C LYS B 200 -41.42 12.75 5.82
N PHE B 201 -40.09 12.57 5.74
CA PHE B 201 -39.25 12.60 6.92
C PHE B 201 -38.96 14.01 7.38
N TYR B 202 -39.05 14.24 8.68
CA TYR B 202 -38.76 15.53 9.30
C TYR B 202 -37.56 15.38 10.24
N ASP B 203 -36.55 16.21 10.06
CA ASP B 203 -35.45 16.29 11.02
C ASP B 203 -36.05 16.62 12.40
N THR B 204 -35.64 15.92 13.44
CA THR B 204 -36.19 16.22 14.75
C THR B 204 -35.66 17.56 15.27
N ASN B 205 -34.51 17.99 14.75
CA ASN B 205 -33.90 19.25 15.18
C ASN B 205 -33.54 20.13 13.97
N GLY B 206 -33.46 21.43 14.18
CA GLY B 206 -32.71 22.29 13.27
C GLY B 206 -31.21 22.06 13.42
N ARG B 207 -30.42 22.98 12.90
CA ARG B 207 -28.99 22.85 13.06
C ARG B 207 -28.63 22.84 14.55
N THR B 208 -28.02 21.76 15.00
CA THR B 208 -27.77 21.55 16.42
C THR B 208 -26.27 21.57 16.68
N THR B 209 -25.83 22.45 17.59
CA THR B 209 -24.41 22.73 17.72
C THR B 209 -23.87 22.70 19.13
N LEU B 210 -22.56 22.45 19.25
CA LEU B 210 -21.79 22.75 20.43
C LEU B 210 -20.81 23.88 20.16
N HIS B 211 -20.84 24.94 20.96
CA HIS B 211 -19.72 25.89 21.07
C HIS B 211 -18.90 25.48 22.28
N PRO B 212 -17.75 24.87 22.07
CA PRO B 212 -16.99 24.32 23.18
C PRO B 212 -16.54 25.38 24.19
N LYS B 213 -16.25 26.58 23.72
CA LYS B 213 -15.86 27.68 24.59
C LYS B 213 -16.67 28.94 24.25
N GLU B 214 -17.33 29.56 25.20
CA GLU B 214 -17.95 30.88 24.93
C GLU B 214 -16.88 31.94 24.58
N VAL B 215 -15.66 31.74 25.08
CA VAL B 215 -14.47 32.53 24.71
C VAL B 215 -14.08 32.46 23.22
N GLU B 216 -14.49 31.40 22.52
CA GLU B 216 -14.28 31.28 21.09
C GLU B 216 -15.65 31.30 20.40
N GLN B 217 -16.09 32.50 20.04
CA GLN B 217 -17.44 32.65 19.50
C GLN B 217 -17.61 31.93 18.15
N ASN B 218 -16.51 31.77 17.42
CA ASN B 218 -16.55 31.24 16.06
C ASN B 218 -16.33 29.75 15.92
N THR B 219 -15.97 29.04 16.99
CA THR B 219 -15.74 27.60 16.89
C THR B 219 -17.04 26.87 17.15
N VAL B 220 -17.53 26.17 16.14
CA VAL B 220 -18.82 25.48 16.24
C VAL B 220 -18.75 24.03 15.74
N ARG B 221 -19.40 23.11 16.44
CA ARG B 221 -19.42 21.70 16.06
C ARG B 221 -20.85 21.18 15.95
N ASP B 222 -21.17 20.55 14.84
CA ASP B 222 -22.50 20.00 14.64
C ASP B 222 -22.71 18.62 15.28
N PHE B 223 -23.90 18.45 15.86
CA PHE B 223 -24.46 17.15 16.19
C PHE B 223 -25.15 16.61 14.93
N PRO B 224 -25.18 15.28 14.74
CA PRO B 224 -26.00 14.67 13.69
C PRO B 224 -27.48 14.65 14.11
N ILE B 225 -28.37 14.55 13.11
CA ILE B 225 -29.79 14.79 13.33
C ILE B 225 -30.65 13.58 12.96
N PRO B 226 -31.44 13.08 13.93
CA PRO B 226 -32.40 12.00 13.64
C PRO B 226 -33.55 12.51 12.79
N LYS B 227 -34.30 11.60 12.16
CA LYS B 227 -35.49 11.97 11.39
C LYS B 227 -36.67 11.08 11.75
N ILE B 228 -37.87 11.63 11.65
CA ILE B 228 -39.11 10.88 11.85
C ILE B 228 -40.16 11.24 10.81
N ARG B 229 -41.11 10.33 10.60
CA ARG B 229 -42.25 10.56 9.76
C ARG B 229 -43.45 9.78 10.30
N ASP B 230 -44.63 9.98 9.75
CA ASP B 230 -45.69 9.07 10.08
C ASP B 230 -45.75 7.76 9.26
N TYR C 18 -41.68 -6.56 27.24
CA TYR C 18 -40.22 -6.34 27.51
C TYR C 18 -40.01 -5.14 28.45
N PRO C 19 -39.18 -5.32 29.50
CA PRO C 19 -38.69 -4.11 30.16
C PRO C 19 -37.94 -3.25 29.16
N GLN C 20 -38.10 -1.93 29.27
CA GLN C 20 -37.51 -0.99 28.31
C GLN C 20 -36.17 -0.46 28.81
N THR C 21 -35.95 -0.52 30.13
CA THR C 21 -34.75 0.06 30.73
C THR C 21 -34.20 -0.72 31.91
N GLY C 22 -32.96 -0.43 32.25
CA GLY C 22 -32.42 -0.77 33.55
C GLY C 22 -31.96 0.51 34.23
N THR C 23 -31.54 0.36 35.48
CA THR C 23 -31.15 1.51 36.27
C THR C 23 -29.78 1.28 36.87
N TYR C 24 -28.87 2.21 36.64
CA TYR C 24 -27.58 2.19 37.32
C TYR C 24 -27.81 2.56 38.82
N PRO C 25 -27.52 1.63 39.73
CA PRO C 25 -27.75 1.96 41.13
C PRO C 25 -26.86 3.10 41.64
N ASP C 26 -25.64 3.24 41.12
CA ASP C 26 -24.74 4.23 41.68
C ASP C 26 -25.29 5.65 41.55
N VAL C 27 -25.85 5.98 40.39
CA VAL C 27 -26.32 7.34 40.13
C VAL C 27 -27.82 7.43 39.89
N GLN C 28 -28.50 6.29 39.90
CA GLN C 28 -29.96 6.25 39.73
C GLN C 28 -30.43 6.92 38.43
N THR C 29 -29.77 6.64 37.31
CA THR C 29 -30.25 7.04 35.98
C THR C 29 -30.48 5.80 35.10
N PRO C 30 -31.38 5.89 34.12
CA PRO C 30 -31.72 4.73 33.31
C PRO C 30 -30.77 4.49 32.13
N TYR C 31 -30.68 3.24 31.70
CA TYR C 31 -30.06 2.89 30.42
C TYR C 31 -31.05 2.06 29.61
N GLN C 32 -31.02 2.21 28.29
CA GLN C 32 -31.97 1.50 27.44
C GLN C 32 -31.50 0.08 27.26
N ILE C 33 -32.44 -0.84 27.03
CA ILE C 33 -32.05 -2.21 26.68
C ILE C 33 -32.84 -2.65 25.47
N ILE C 34 -32.22 -3.45 24.62
CA ILE C 34 -32.80 -3.84 23.34
C ILE C 34 -32.45 -5.26 22.95
N LYS C 35 -33.15 -5.76 21.93
CA LYS C 35 -33.07 -7.14 21.49
C LYS C 35 -31.63 -7.50 21.19
N VAL C 36 -31.25 -8.71 21.58
CA VAL C 36 -29.97 -9.30 21.24
C VAL C 36 -30.10 -10.06 19.92
N ASP C 37 -29.14 -9.85 19.04
CA ASP C 37 -29.13 -10.57 17.76
C ASP C 37 -28.98 -12.06 18.00
N GLY C 38 -29.82 -12.84 17.33
CA GLY C 38 -29.79 -14.29 17.43
C GLY C 38 -30.69 -14.83 18.53
N SER C 39 -31.50 -13.97 19.17
CA SER C 39 -32.34 -14.38 20.28
C SER C 39 -33.83 -14.50 19.92
N GLU C 40 -34.15 -14.31 18.64
CA GLU C 40 -35.55 -14.44 18.20
C GLU C 40 -36.03 -15.88 18.21
N LYS C 41 -37.24 -16.07 18.73
CA LYS C 41 -37.84 -17.40 18.86
C LYS C 41 -39.35 -17.23 18.80
N ASN C 42 -39.96 -17.77 17.74
CA ASN C 42 -41.40 -17.67 17.55
C ASN C 42 -41.92 -16.24 17.69
N GLY C 43 -41.25 -15.29 17.03
CA GLY C 43 -41.71 -13.90 17.01
C GLY C 43 -41.51 -13.09 18.28
N GLN C 44 -40.94 -13.70 19.32
CA GLN C 44 -40.52 -12.99 20.53
CA GLN C 44 -40.52 -12.99 20.53
C GLN C 44 -39.00 -13.07 20.64
N HIS C 45 -38.37 -12.13 21.32
CA HIS C 45 -36.95 -12.27 21.58
C HIS C 45 -36.67 -12.66 23.05
N LYS C 46 -35.62 -13.46 23.23
CA LYS C 46 -35.35 -14.07 24.53
C LYS C 46 -34.27 -13.37 25.32
N ALA C 47 -33.60 -12.38 24.71
CA ALA C 47 -32.48 -11.73 25.39
C ALA C 47 -32.38 -10.25 25.05
N LEU C 48 -31.88 -9.49 26.01
CA LEU C 48 -31.81 -8.04 25.92
C LEU C 48 -30.44 -7.56 26.40
N ASN C 49 -29.87 -6.60 25.67
CA ASN C 49 -28.60 -6.01 26.00
C ASN C 49 -28.80 -4.50 26.25
N PRO C 50 -27.98 -3.94 27.13
CA PRO C 50 -27.91 -2.49 27.23
C PRO C 50 -27.54 -1.85 25.89
N ASN C 51 -28.04 -0.64 25.66
CA ASN C 51 -27.84 0.09 24.42
C ASN C 51 -27.64 1.58 24.70
N PRO C 52 -26.39 2.05 24.69
CA PRO C 52 -25.19 1.29 24.34
C PRO C 52 -24.75 0.37 25.49
N TYR C 53 -23.90 -0.61 25.21
CA TYR C 53 -23.43 -1.53 26.23
C TYR C 53 -22.12 -1.03 26.85
N GLU C 54 -21.57 0.04 26.29
CA GLU C 54 -20.44 0.76 26.90
C GLU C 54 -20.93 1.93 27.73
N ARG C 55 -20.24 2.22 28.81
CA ARG C 55 -20.57 3.38 29.67
C ARG C 55 -19.31 4.16 29.96
N VAL C 56 -19.36 5.47 29.73
CA VAL C 56 -18.24 6.34 30.11
C VAL C 56 -18.33 6.74 31.58
N ILE C 57 -17.33 6.35 32.35
CA ILE C 57 -17.23 6.73 33.75
C ILE C 57 -16.05 7.68 33.99
N PRO C 58 -15.99 8.28 35.17
CA PRO C 58 -14.92 9.25 35.35
C PRO C 58 -13.52 8.66 35.15
N GLU C 59 -13.37 7.37 35.41
CA GLU C 59 -12.06 6.71 35.33
C GLU C 59 -11.77 6.07 33.97
N GLY C 60 -12.74 6.12 33.07
CA GLY C 60 -12.56 5.54 31.74
C GLY C 60 -13.86 5.02 31.17
N THR C 61 -13.84 3.77 30.68
CA THR C 61 -15.01 3.18 30.06
C THR C 61 -15.17 1.75 30.56
N LEU C 62 -16.41 1.37 30.82
CA LEU C 62 -16.69 -0.03 31.07
C LEU C 62 -17.83 -0.54 30.22
N SER C 63 -17.93 -1.86 30.09
CA SER C 63 -18.91 -2.48 29.21
C SER C 63 -19.32 -3.85 29.66
N LYS C 64 -20.59 -4.18 29.43
CA LYS C 64 -21.06 -5.54 29.61
C LYS C 64 -22.16 -5.88 28.63
N ARG C 65 -22.09 -7.06 28.03
CA ARG C 65 -23.12 -7.52 27.12
C ARG C 65 -23.11 -9.03 27.00
N ILE C 66 -24.24 -9.57 26.52
CA ILE C 66 -24.24 -10.86 25.90
C ILE C 66 -23.59 -10.67 24.54
N TYR C 67 -22.52 -11.41 24.30
CA TYR C 67 -21.75 -11.23 23.06
C TYR C 67 -21.93 -12.37 22.10
N GLN C 68 -22.49 -13.47 22.55
CA GLN C 68 -22.92 -14.53 21.63
C GLN C 68 -23.99 -15.41 22.22
N VAL C 69 -24.75 -16.02 21.35
CA VAL C 69 -25.75 -17.00 21.71
C VAL C 69 -25.17 -18.35 21.40
N ASN C 70 -24.91 -19.16 22.44
CA ASN C 70 -24.28 -20.46 22.26
C ASN C 70 -25.31 -21.51 21.92
N ASN C 71 -26.50 -21.41 22.53
CA ASN C 71 -27.59 -22.35 22.24
C ASN C 71 -28.90 -21.76 22.71
N LEU C 72 -29.68 -21.24 21.77
CA LEU C 72 -30.84 -20.42 22.11
C LEU C 72 -31.89 -21.26 22.83
N ASP C 73 -32.17 -22.43 22.31
CA ASP C 73 -33.19 -23.29 22.89
C ASP C 73 -32.84 -23.72 24.30
N ASP C 74 -31.56 -23.90 24.58
CA ASP C 74 -31.13 -24.28 25.91
C ASP C 74 -30.74 -23.09 26.79
N ASN C 75 -30.99 -21.87 26.32
CA ASN C 75 -30.71 -20.65 27.08
C ASN C 75 -29.26 -20.49 27.51
N GLN C 76 -28.34 -20.76 26.59
CA GLN C 76 -26.92 -20.61 26.85
C GLN C 76 -26.36 -19.45 26.04
N TYR C 77 -25.58 -18.64 26.73
CA TYR C 77 -25.07 -17.38 26.21
C TYR C 77 -23.63 -17.16 26.66
N GLY C 78 -22.87 -16.46 25.83
CA GLY C 78 -21.58 -15.92 26.24
C GLY C 78 -21.71 -14.50 26.77
N ILE C 79 -21.02 -14.19 27.85
CA ILE C 79 -21.07 -12.88 28.48
C ILE C 79 -19.68 -12.24 28.37
N GLU C 80 -19.63 -10.92 28.16
CA GLU C 80 -18.36 -10.22 27.99
C GLU C 80 -18.37 -8.94 28.82
N LEU C 81 -17.32 -8.76 29.61
CA LEU C 81 -17.12 -7.51 30.35
C LEU C 81 -15.82 -6.87 29.89
N THR C 82 -15.79 -5.54 29.77
CA THR C 82 -14.55 -4.84 29.51
C THR C 82 -14.40 -3.63 30.41
N VAL C 83 -13.13 -3.22 30.58
CA VAL C 83 -12.78 -1.99 31.27
CA VAL C 83 -12.77 -2.01 31.29
C VAL C 83 -11.56 -1.36 30.61
N SER C 84 -11.57 -0.03 30.49
CA SER C 84 -10.39 0.71 30.07
C SER C 84 -10.25 1.94 30.95
N GLY C 85 -9.03 2.43 31.07
CA GLY C 85 -8.74 3.46 32.07
C GLY C 85 -8.45 4.86 31.54
N LYS C 86 -7.72 5.62 32.34
CA LYS C 86 -7.42 6.99 32.03
C LYS C 86 -6.09 7.36 32.65
N THR C 87 -5.24 7.99 31.86
CA THR C 87 -3.95 8.45 32.32
C THR C 87 -4.08 9.87 32.85
N VAL C 88 -3.57 10.11 34.05
CA VAL C 88 -3.56 11.45 34.63
C VAL C 88 -2.11 11.89 34.86
N TYR C 89 -1.79 13.12 34.49
CA TYR C 89 -0.50 13.70 34.83
C TYR C 89 -0.66 14.69 35.99
N GLU C 90 0.33 14.75 36.88
CA GLU C 90 0.18 15.43 38.17
C GLU C 90 0.70 16.86 38.10
N THR C 98 4.95 13.08 36.54
CA THR C 98 4.25 11.90 37.10
C THR C 98 3.01 11.45 36.33
N GLU C 99 3.04 10.23 35.79
CA GLU C 99 1.83 9.55 35.33
C GLU C 99 1.17 8.82 36.48
N LYS C 100 -0.15 8.82 36.52
CA LYS C 100 -0.90 7.94 37.40
C LYS C 100 -2.06 7.35 36.60
N LYS C 101 -2.49 6.17 37.00
CA LYS C 101 -3.58 5.50 36.30
C LYS C 101 -4.86 5.60 37.11
N SER C 102 -5.97 5.86 36.43
CA SER C 102 -7.25 6.05 37.10
C SER C 102 -7.74 4.73 37.70
N ILE C 103 -7.28 3.63 37.12
CA ILE C 103 -7.62 2.31 37.62
C ILE C 103 -6.33 1.70 38.13
N GLU C 104 -6.26 1.50 39.43
CA GLU C 104 -5.00 1.21 40.11
C GLU C 104 -5.27 0.16 41.18
N ASN C 105 -4.83 -1.07 40.91
CA ASN C 105 -5.28 -2.23 41.66
C ASN C 105 -6.79 -2.23 41.82
N GLY C 106 -7.50 -2.04 40.72
CA GLY C 106 -8.95 -2.12 40.73
C GLY C 106 -9.50 -3.54 40.70
N THR C 107 -10.79 -3.63 40.99
CA THR C 107 -11.48 -4.91 41.15
C THR C 107 -12.84 -4.89 40.48
N ILE C 108 -13.10 -5.91 39.67
CA ILE C 108 -14.45 -6.19 39.15
C ILE C 108 -15.11 -7.25 40.03
N THR C 109 -16.34 -6.97 40.43
CA THR C 109 -17.15 -7.88 41.21
C THR C 109 -18.41 -8.20 40.41
N ASP C 110 -18.57 -9.48 40.08
CA ASP C 110 -19.58 -9.91 39.11
C ASP C 110 -20.34 -11.14 39.66
N PRO C 111 -21.36 -10.91 40.52
CA PRO C 111 -22.26 -11.98 40.96
C PRO C 111 -23.12 -12.48 39.83
N MET C 112 -23.28 -13.80 39.74
CA MET C 112 -24.26 -14.35 38.82
C MET C 112 -25.63 -13.89 39.30
N GLY C 113 -26.53 -13.67 38.36
CA GLY C 113 -27.90 -13.35 38.69
C GLY C 113 -28.61 -14.53 39.32
N GLU C 114 -29.71 -14.27 40.03
CA GLU C 114 -30.59 -15.37 40.44
C GLU C 114 -30.96 -16.23 39.24
N LEU C 115 -30.87 -17.53 39.42
CA LEU C 115 -31.21 -18.51 38.39
C LEU C 115 -30.31 -18.45 37.16
N ILE C 116 -29.12 -17.89 37.32
CA ILE C 116 -28.11 -17.90 36.25
C ILE C 116 -26.94 -18.78 36.68
N ASP C 117 -26.68 -19.86 35.94
CA ASP C 117 -25.62 -20.78 36.27
C ASP C 117 -24.37 -20.56 35.40
N LEU C 118 -23.26 -20.25 36.05
CA LEU C 118 -21.97 -20.16 35.40
C LEU C 118 -21.55 -21.52 34.87
N GLN C 119 -21.04 -21.60 33.64
CA GLN C 119 -20.60 -22.91 33.13
C GLN C 119 -19.20 -23.24 33.66
N LEU C 120 -19.07 -24.38 34.32
CA LEU C 120 -17.86 -24.72 35.07
C LEU C 120 -17.19 -26.03 34.57
N GLY C 121 -17.81 -26.72 33.64
CA GLY C 121 -17.41 -28.11 33.34
C GLY C 121 -17.19 -29.09 34.53
N THR C 122 -16.30 -30.04 34.31
CA THR C 122 -16.34 -31.34 34.96
C THR C 122 -16.16 -31.24 36.46
N ASP C 123 -15.17 -30.47 36.89
CA ASP C 123 -14.81 -30.46 38.31
C ASP C 123 -15.69 -29.52 39.15
N GLY C 124 -16.62 -28.80 38.52
CA GLY C 124 -17.50 -27.88 39.24
C GLY C 124 -16.81 -26.65 39.84
N ARG C 125 -15.64 -26.31 39.31
CA ARG C 125 -14.93 -25.09 39.69
C ARG C 125 -14.67 -24.21 38.48
N PHE C 126 -14.46 -22.92 38.70
CA PHE C 126 -14.24 -21.99 37.58
C PHE C 126 -12.75 -21.95 37.30
N ASP C 127 -12.33 -22.65 36.25
CA ASP C 127 -10.93 -22.84 35.93
C ASP C 127 -10.58 -22.09 34.65
N PRO C 128 -9.28 -21.99 34.31
CA PRO C 128 -8.88 -21.31 33.08
C PRO C 128 -9.61 -21.75 31.83
N ALA C 129 -9.94 -23.03 31.74
CA ALA C 129 -10.70 -23.54 30.59
C ALA C 129 -12.10 -22.93 30.46
N ASP C 130 -12.62 -22.30 31.52
CA ASP C 130 -14.01 -21.84 31.53
C ASP C 130 -14.19 -20.33 31.27
N TYR C 131 -13.09 -19.63 31.02
CA TYR C 131 -13.12 -18.17 30.82
C TYR C 131 -11.95 -17.74 29.92
N THR C 132 -12.03 -16.54 29.36
CA THR C 132 -10.85 -15.86 28.85
C THR C 132 -10.68 -14.49 29.53
N LEU C 133 -9.44 -14.17 29.83
CA LEU C 133 -9.05 -12.83 30.27
C LEU C 133 -7.89 -12.39 29.39
N THR C 134 -8.14 -11.36 28.58
CA THR C 134 -7.17 -10.85 27.63
C THR C 134 -7.07 -9.33 27.76
N ALA C 135 -6.00 -8.77 27.24
CA ALA C 135 -5.84 -7.34 27.23
C ALA C 135 -5.31 -6.85 25.88
N ASN C 136 -5.53 -5.56 25.59
CA ASN C 136 -5.31 -5.05 24.26
C ASN C 136 -3.85 -4.75 24.00
N ASP C 137 -2.97 -5.05 24.97
CA ASP C 137 -1.54 -5.06 24.69
C ASP C 137 -1.06 -6.41 24.19
N GLY C 138 -2.00 -7.34 24.00
CA GLY C 138 -1.65 -8.67 23.51
C GLY C 138 -1.38 -9.66 24.62
N SER C 139 -1.57 -9.26 25.88
CA SER C 139 -1.38 -10.21 26.99
C SER C 139 -2.65 -11.01 27.25
N ARG C 140 -2.51 -12.14 27.93
CA ARG C 140 -3.64 -12.92 28.40
C ARG C 140 -3.27 -13.82 29.59
N LEU C 141 -4.27 -14.31 30.30
CA LEU C 141 -4.06 -15.40 31.23
C LEU C 141 -4.14 -16.74 30.48
N GLU C 142 -3.14 -17.57 30.70
CA GLU C 142 -3.08 -18.90 30.13
C GLU C 142 -2.84 -19.87 31.26
N ASN C 143 -3.82 -20.73 31.49
CA ASN C 143 -3.81 -21.57 32.67
C ASN C 143 -3.46 -20.81 33.92
N GLY C 144 -4.00 -19.61 34.10
CA GLY C 144 -3.85 -18.85 35.33
C GLY C 144 -2.63 -17.93 35.30
N GLN C 145 -1.71 -18.14 34.37
CA GLN C 145 -0.49 -17.35 34.31
C GLN C 145 -0.56 -16.25 33.25
N ALA C 146 -0.11 -15.05 33.59
CA ALA C 146 -0.10 -13.97 32.64
C ALA C 146 1.04 -14.17 31.65
N VAL C 147 0.74 -14.16 30.36
CA VAL C 147 1.76 -14.28 29.34
C VAL C 147 1.52 -13.23 28.26
N GLY C 148 2.54 -13.01 27.45
CA GLY C 148 2.46 -12.07 26.34
C GLY C 148 2.67 -10.64 26.76
N GLY C 149 2.17 -9.73 25.94
CA GLY C 149 2.51 -8.30 26.07
C GLY C 149 3.74 -7.98 25.26
N PRO C 150 4.00 -6.70 25.01
CA PRO C 150 5.15 -6.35 24.21
C PRO C 150 6.49 -6.81 24.82
N GLN C 151 6.56 -7.00 26.14
CA GLN C 151 7.79 -7.50 26.78
C GLN C 151 7.73 -9.00 27.07
N ASN C 152 6.67 -9.66 26.65
CA ASN C 152 6.49 -11.09 26.91
C ASN C 152 6.66 -11.42 28.41
N ASP C 153 6.06 -10.58 29.26
CA ASP C 153 6.17 -10.71 30.70
C ASP C 153 4.79 -10.70 31.36
N GLY C 154 3.73 -10.85 30.59
CA GLY C 154 2.36 -10.77 31.11
C GLY C 154 1.72 -9.39 31.01
N GLY C 155 2.52 -8.37 30.71
CA GLY C 155 2.00 -7.04 30.40
C GLY C 155 0.90 -6.56 31.33
N LEU C 156 -0.19 -6.06 30.76
CA LEU C 156 -1.25 -5.46 31.57
C LEU C 156 -1.89 -6.44 32.54
N LEU C 157 -1.69 -7.73 32.35
CA LEU C 157 -2.35 -8.73 33.19
C LEU C 157 -1.39 -9.38 34.19
N LYS C 158 -0.17 -8.86 34.27
CA LYS C 158 0.88 -9.35 35.21
C LYS C 158 0.38 -9.67 36.61
N ASN C 159 -0.53 -8.85 37.12
CA ASN C 159 -0.96 -8.93 38.50
C ASN C 159 -2.43 -9.34 38.63
N ALA C 160 -3.05 -9.76 37.54
CA ALA C 160 -4.48 -9.98 37.53
C ALA C 160 -4.80 -11.40 37.95
N LYS C 161 -5.91 -11.54 38.66
CA LYS C 161 -6.42 -12.86 39.02
C LYS C 161 -7.90 -12.92 38.78
N VAL C 162 -8.38 -14.10 38.41
CA VAL C 162 -9.82 -14.37 38.27
C VAL C 162 -10.26 -15.36 39.36
N LEU C 163 -11.19 -14.98 40.21
CA LEU C 163 -11.57 -15.76 41.39
C LEU C 163 -13.07 -16.10 41.33
N TYR C 164 -13.47 -17.19 41.95
CA TYR C 164 -14.86 -17.61 41.98
C TYR C 164 -15.15 -18.25 43.35
N ASP C 165 -16.33 -18.05 43.88
CA ASP C 165 -16.79 -18.82 45.03
C ASP C 165 -18.05 -19.57 44.59
N THR C 166 -18.07 -20.90 44.74
CA THR C 166 -19.18 -21.73 44.24
C THR C 166 -20.44 -21.58 45.09
N THR C 167 -20.29 -21.09 46.31
CA THR C 167 -21.47 -20.89 47.15
C THR C 167 -22.14 -19.57 46.84
N GLU C 168 -21.36 -18.51 46.84
CA GLU C 168 -21.86 -17.16 46.57
C GLU C 168 -22.12 -16.94 45.08
N LYS C 169 -21.58 -17.80 44.23
CA LYS C 169 -21.75 -17.68 42.79
C LYS C 169 -21.30 -16.32 42.26
N ARG C 170 -20.05 -15.99 42.50
CA ARG C 170 -19.57 -14.64 42.25
C ARG C 170 -18.16 -14.66 41.71
N ILE C 171 -17.95 -14.01 40.58
CA ILE C 171 -16.62 -13.85 40.00
C ILE C 171 -16.04 -12.55 40.52
N ARG C 172 -14.74 -12.55 40.81
CA ARG C 172 -13.98 -11.31 41.02
C ARG C 172 -12.73 -11.32 40.13
N VAL C 173 -12.43 -10.18 39.53
CA VAL C 173 -11.17 -9.97 38.83
C VAL C 173 -10.41 -8.91 39.59
N THR C 174 -9.24 -9.26 40.09
CA THR C 174 -8.46 -8.34 40.90
C THR C 174 -7.18 -8.01 40.15
N GLY C 175 -6.49 -6.96 40.59
CA GLY C 175 -5.17 -6.62 40.05
C GLY C 175 -5.19 -5.84 38.74
N LEU C 176 -6.16 -4.94 38.61
CA LEU C 176 -6.29 -4.16 37.36
C LEU C 176 -5.56 -2.82 37.48
N TYR C 177 -4.61 -2.61 36.57
CA TYR C 177 -3.88 -1.34 36.47
C TYR C 177 -3.93 -0.79 35.04
N LEU C 178 -4.74 0.25 34.82
CA LEU C 178 -5.10 0.66 33.46
C LEU C 178 -5.18 2.17 33.31
N GLY C 179 -4.43 2.69 32.35
CA GLY C 179 -4.56 4.09 31.92
C GLY C 179 -5.26 4.20 30.58
N THR C 180 -5.05 5.31 29.91
CA THR C 180 -5.70 5.58 28.61
C THR C 180 -5.41 4.49 27.57
N ASP C 181 -6.49 3.98 26.97
CA ASP C 181 -6.44 2.99 25.90
C ASP C 181 -5.76 1.71 26.33
N GLU C 182 -5.76 1.46 27.64
CA GLU C 182 -5.37 0.17 28.18
C GLU C 182 -6.65 -0.53 28.61
N LYS C 183 -6.92 -1.69 28.01
CA LYS C 183 -8.25 -2.30 28.07
C LYS C 183 -8.17 -3.81 28.31
N VAL C 184 -9.02 -4.29 29.20
CA VAL C 184 -9.07 -5.68 29.58
C VAL C 184 -10.46 -6.22 29.29
N THR C 185 -10.51 -7.47 28.85
CA THR C 185 -11.77 -8.13 28.46
C THR C 185 -11.88 -9.50 29.15
N LEU C 186 -12.99 -9.73 29.84
CA LEU C 186 -13.33 -11.03 30.40
C LEU C 186 -14.52 -11.65 29.64
N THR C 187 -14.41 -12.94 29.30
CA THR C 187 -15.55 -13.68 28.78
C THR C 187 -15.74 -14.98 29.56
N TYR C 188 -16.99 -15.45 29.58
CA TYR C 188 -17.39 -16.72 30.18
C TYR C 188 -18.78 -17.09 29.63
N ASN C 189 -19.27 -18.29 29.95
CA ASN C 189 -20.60 -18.72 29.51
C ASN C 189 -21.57 -18.96 30.69
N VAL C 190 -22.86 -18.77 30.43
CA VAL C 190 -23.88 -18.98 31.42
C VAL C 190 -25.05 -19.71 30.81
N ARG C 191 -25.91 -20.23 31.70
CA ARG C 191 -27.16 -20.88 31.30
C ARG C 191 -28.28 -20.54 32.27
N LEU C 192 -29.46 -20.25 31.73
CA LEU C 192 -30.64 -20.04 32.55
C LEU C 192 -31.02 -21.36 33.26
N ASN C 193 -31.19 -21.28 34.57
CA ASN C 193 -31.58 -22.47 35.35
C ASN C 193 -32.99 -22.93 35.00
N ASP C 194 -33.23 -24.24 35.06
CA ASP C 194 -34.55 -24.81 34.71
C ASP C 194 -35.71 -24.37 35.61
N GLU C 195 -35.41 -23.85 36.80
CA GLU C 195 -36.46 -23.35 37.71
C GLU C 195 -36.98 -21.95 37.35
N PHE C 196 -36.64 -21.43 36.18
CA PHE C 196 -37.13 -20.11 35.75
C PHE C 196 -38.66 -20.06 35.76
N VAL C 197 -39.18 -18.89 36.08
CA VAL C 197 -40.59 -18.57 35.92
C VAL C 197 -40.82 -18.14 34.49
N SER C 198 -41.82 -18.69 33.83
CA SER C 198 -42.01 -18.46 32.39
C SER C 198 -42.21 -16.98 32.05
N ASN C 199 -41.46 -16.50 31.05
CA ASN C 199 -41.62 -15.15 30.53
C ASN C 199 -41.09 -14.04 31.40
N LYS C 200 -40.55 -14.41 32.56
CA LYS C 200 -39.90 -13.43 33.41
C LYS C 200 -38.47 -13.25 32.87
N PHE C 201 -38.08 -11.99 32.67
CA PHE C 201 -36.69 -11.69 32.35
C PHE C 201 -35.84 -11.72 33.60
N TYR C 202 -34.66 -12.36 33.50
CA TYR C 202 -33.72 -12.43 34.59
C TYR C 202 -32.45 -11.72 34.22
N ASP C 203 -32.02 -10.82 35.10
CA ASP C 203 -30.71 -10.22 34.97
C ASP C 203 -29.66 -11.34 34.91
N THR C 204 -28.73 -11.26 33.97
CA THR C 204 -27.67 -12.28 33.91
C THR C 204 -26.72 -12.15 35.09
N ASN C 205 -26.65 -10.97 35.68
CA ASN C 205 -25.74 -10.71 36.79
C ASN C 205 -26.49 -10.03 37.95
N GLY C 206 -26.01 -10.21 39.17
CA GLY C 206 -26.37 -9.29 40.24
C GLY C 206 -25.70 -7.93 40.04
N ARG C 207 -25.67 -7.13 41.09
CA ARG C 207 -25.00 -5.86 40.97
C ARG C 207 -23.54 -6.04 40.58
N THR C 208 -23.17 -5.53 39.41
CA THR C 208 -21.84 -5.76 38.85
C THR C 208 -21.06 -4.45 38.84
N THR C 209 -19.89 -4.44 39.49
CA THR C 209 -19.21 -3.21 39.79
C THR C 209 -17.74 -3.23 39.45
N LEU C 210 -17.20 -2.04 39.22
CA LEU C 210 -15.78 -1.79 39.24
C LEU C 210 -15.45 -0.90 40.44
N HIS C 211 -14.51 -1.33 41.28
CA HIS C 211 -13.84 -0.43 42.22
C HIS C 211 -12.51 -0.03 41.57
N PRO C 212 -12.43 1.18 41.02
CA PRO C 212 -11.27 1.50 40.20
C PRO C 212 -9.96 1.55 40.99
N LYS C 213 -10.02 1.93 42.26
CA LYS C 213 -8.81 2.18 43.04
C LYS C 213 -8.92 1.49 44.41
N GLU C 214 -7.93 0.65 44.74
CA GLU C 214 -7.78 0.11 46.10
C GLU C 214 -7.73 1.24 47.15
N VAL C 215 -7.15 2.38 46.79
CA VAL C 215 -7.00 3.54 47.67
C VAL C 215 -8.35 4.21 47.99
N GLU C 216 -9.35 4.00 47.13
CA GLU C 216 -10.66 4.61 47.32
C GLU C 216 -11.71 3.53 47.61
N GLN C 217 -11.92 3.27 48.89
CA GLN C 217 -12.74 2.12 49.31
C GLN C 217 -14.20 2.27 48.88
N ASN C 218 -14.68 3.50 48.86
CA ASN C 218 -16.10 3.76 48.65
C ASN C 218 -16.48 4.11 47.20
N THR C 219 -15.50 4.25 46.30
CA THR C 219 -15.82 4.58 44.92
C THR C 219 -16.14 3.33 44.13
N VAL C 220 -17.39 3.28 43.68
CA VAL C 220 -17.92 2.15 42.95
C VAL C 220 -18.64 2.62 41.67
N ARG C 221 -18.44 1.88 40.58
CA ARG C 221 -19.08 2.14 39.31
C ARG C 221 -19.80 0.90 38.79
N ASP C 222 -21.06 1.07 38.45
CA ASP C 222 -21.88 -0.03 37.94
C ASP C 222 -21.69 -0.31 36.46
N PHE C 223 -21.64 -1.59 36.13
CA PHE C 223 -21.83 -2.06 34.75
C PHE C 223 -23.33 -2.19 34.51
N PRO C 224 -23.77 -2.01 33.25
CA PRO C 224 -25.13 -2.33 32.88
C PRO C 224 -25.33 -3.85 32.74
N ILE C 225 -26.57 -4.30 32.85
CA ILE C 225 -26.88 -5.71 33.00
C ILE C 225 -27.82 -6.22 31.92
N PRO C 226 -27.39 -7.22 31.15
CA PRO C 226 -28.25 -7.90 30.20
C PRO C 226 -29.31 -8.73 30.88
N LYS C 227 -30.33 -9.13 30.13
CA LYS C 227 -31.41 -9.95 30.68
C LYS C 227 -31.79 -11.03 29.69
N ILE C 228 -32.21 -12.17 30.23
CA ILE C 228 -32.66 -13.30 29.43
C ILE C 228 -33.89 -13.95 30.05
N ARG C 229 -34.64 -14.64 29.21
CA ARG C 229 -35.83 -15.37 29.66
C ARG C 229 -36.02 -16.58 28.78
N ASP C 230 -36.82 -17.51 29.28
CA ASP C 230 -37.44 -18.49 28.43
C ASP C 230 -38.97 -18.31 28.38
N GLN D 17 39.80 -3.97 -2.17
CA GLN D 17 40.60 -2.98 -2.96
C GLN D 17 40.27 -3.07 -4.46
N TYR D 18 39.27 -2.32 -4.92
CA TYR D 18 38.81 -2.41 -6.31
C TYR D 18 38.74 -1.01 -6.94
N PRO D 19 39.22 -0.86 -8.19
CA PRO D 19 38.85 0.39 -8.87
C PRO D 19 37.33 0.45 -9.02
N GLN D 20 36.76 1.64 -8.86
CA GLN D 20 35.32 1.81 -8.88
C GLN D 20 34.85 2.23 -10.25
N THR D 21 35.73 2.81 -11.08
CA THR D 21 35.30 3.33 -12.38
C THR D 21 36.31 3.12 -13.48
N GLY D 22 35.85 3.30 -14.72
CA GLY D 22 36.72 3.54 -15.85
C GLY D 22 36.31 4.85 -16.50
N THR D 23 37.08 5.29 -17.49
CA THR D 23 36.79 6.54 -18.16
C THR D 23 36.74 6.34 -19.65
N TYR D 24 35.65 6.76 -20.26
CA TYR D 24 35.55 6.83 -21.71
C TYR D 24 36.50 7.91 -22.24
N PRO D 25 37.52 7.53 -23.02
CA PRO D 25 38.41 8.54 -23.54
C PRO D 25 37.75 9.54 -24.49
N ASP D 26 36.76 9.12 -25.26
CA ASP D 26 36.18 10.04 -26.24
C ASP D 26 35.56 11.29 -25.58
N VAL D 27 34.82 11.11 -24.50
CA VAL D 27 34.11 12.22 -23.87
C VAL D 27 34.59 12.53 -22.45
N GLN D 28 35.53 11.73 -21.95
CA GLN D 28 36.09 11.97 -20.62
C GLN D 28 35.04 11.99 -19.51
N THR D 29 34.11 11.05 -19.53
CA THR D 29 33.20 10.82 -18.40
C THR D 29 33.38 9.41 -17.84
N PRO D 30 33.12 9.21 -16.54
CA PRO D 30 33.30 7.90 -15.91
C PRO D 30 32.14 6.93 -16.14
N TYR D 31 32.46 5.63 -16.13
CA TYR D 31 31.44 4.58 -16.07
C TYR D 31 31.77 3.68 -14.88
N GLN D 32 30.74 3.17 -14.21
CA GLN D 32 30.97 2.36 -13.03
C GLN D 32 31.35 0.95 -13.46
N ILE D 33 32.09 0.25 -12.61
CA ILE D 33 32.38 -1.16 -12.82
C ILE D 33 32.07 -1.94 -11.59
N ILE D 34 31.58 -3.17 -11.76
CA ILE D 34 31.18 -4.01 -10.65
C ILE D 34 31.53 -5.49 -10.85
N LYS D 35 31.39 -6.24 -9.76
CA LYS D 35 31.75 -7.63 -9.68
C LYS D 35 31.06 -8.41 -10.77
N VAL D 36 31.80 -9.33 -11.39
CA VAL D 36 31.28 -10.27 -12.36
C VAL D 36 30.81 -11.53 -11.65
N ASP D 37 29.61 -11.98 -12.00
CA ASP D 37 29.01 -13.20 -11.43
CA ASP D 37 29.06 -13.15 -11.34
C ASP D 37 29.90 -14.39 -11.72
N GLY D 38 30.19 -15.19 -10.70
CA GLY D 38 31.04 -16.37 -10.87
C GLY D 38 32.54 -16.12 -10.71
N SER D 39 32.92 -14.90 -10.30
CA SER D 39 34.32 -14.53 -10.17
C SER D 39 34.79 -14.47 -8.72
N GLU D 40 33.91 -14.81 -7.79
CA GLU D 40 34.28 -14.86 -6.36
C GLU D 40 35.26 -15.98 -6.05
N LYS D 41 36.29 -15.63 -5.29
CA LYS D 41 37.31 -16.57 -4.88
C LYS D 41 37.87 -16.14 -3.54
N ASN D 42 37.64 -16.95 -2.51
CA ASN D 42 38.15 -16.66 -1.18
C ASN D 42 37.80 -15.25 -0.71
N GLY D 43 36.52 -14.90 -0.82
CA GLY D 43 36.03 -13.62 -0.33
C GLY D 43 36.37 -12.39 -1.16
N GLN D 44 37.17 -12.54 -2.23
CA GLN D 44 37.46 -11.44 -3.15
C GLN D 44 36.89 -11.78 -4.53
N HIS D 45 36.61 -10.78 -5.36
CA HIS D 45 36.23 -11.11 -6.73
C HIS D 45 37.35 -10.79 -7.73
N LYS D 46 37.44 -11.61 -8.77
CA LYS D 46 38.58 -11.57 -9.69
C LYS D 46 38.28 -10.82 -11.00
N ALA D 47 37.03 -10.41 -11.19
CA ALA D 47 36.65 -9.77 -12.45
C ALA D 47 35.61 -8.69 -12.28
N LEU D 48 35.71 -7.66 -13.12
CA LEU D 48 34.84 -6.50 -13.06
C LEU D 48 34.31 -6.18 -14.44
N ASN D 49 33.04 -5.82 -14.50
CA ASN D 49 32.38 -5.44 -15.75
C ASN D 49 31.86 -4.01 -15.60
N PRO D 50 31.82 -3.28 -16.72
CA PRO D 50 31.11 -2.01 -16.74
C PRO D 50 29.65 -2.20 -16.34
N ASN D 51 29.07 -1.18 -15.72
CA ASN D 51 27.69 -1.25 -15.23
C ASN D 51 27.00 0.10 -15.41
N PRO D 52 26.20 0.24 -16.46
CA PRO D 52 25.80 -0.82 -17.41
C PRO D 52 26.89 -1.12 -18.41
N TYR D 53 26.83 -2.30 -19.07
CA TYR D 53 27.82 -2.67 -20.05
C TYR D 53 27.39 -2.23 -21.45
N GLU D 54 26.15 -1.78 -21.60
CA GLU D 54 25.68 -1.13 -22.82
C GLU D 54 25.83 0.39 -22.72
N ARG D 55 26.20 1.02 -23.83
CA ARG D 55 26.30 2.48 -23.92
C ARG D 55 25.49 3.02 -25.09
N VAL D 56 24.62 4.01 -24.86
CA VAL D 56 23.87 4.60 -25.96
C VAL D 56 24.69 5.72 -26.59
N ILE D 57 24.99 5.56 -27.88
CA ILE D 57 25.76 6.55 -28.62
C ILE D 57 24.90 7.19 -29.72
N PRO D 58 25.39 8.29 -30.31
CA PRO D 58 24.51 8.94 -31.27
C PRO D 58 24.07 8.03 -32.42
N GLU D 59 24.88 7.03 -32.75
CA GLU D 59 24.59 6.12 -33.87
C GLU D 59 23.84 4.86 -33.49
N GLY D 60 23.62 4.66 -32.19
CA GLY D 60 22.87 3.49 -31.73
C GLY D 60 23.33 3.05 -30.35
N THR D 61 23.69 1.77 -30.23
CA THR D 61 24.14 1.22 -28.95
C THR D 61 25.37 0.39 -29.18
N LEU D 62 26.30 0.45 -28.25
CA LEU D 62 27.38 -0.54 -28.21
C LEU D 62 27.54 -1.12 -26.83
N SER D 63 28.21 -2.26 -26.75
CA SER D 63 28.38 -2.96 -25.46
C SER D 63 29.64 -3.81 -25.43
N LYS D 64 30.21 -3.96 -24.25
CA LYS D 64 31.30 -4.90 -24.04
C LYS D 64 31.30 -5.40 -22.60
N ARG D 65 31.45 -6.71 -22.44
CA ARG D 65 31.50 -7.31 -21.10
C ARG D 65 32.21 -8.66 -21.16
N ILE D 66 32.68 -9.10 -20.00
CA ILE D 66 32.91 -10.51 -19.77
C ILE D 66 31.53 -11.16 -19.64
N TYR D 67 31.24 -12.11 -20.51
CA TYR D 67 29.91 -12.73 -20.55
C TYR D 67 29.86 -14.14 -19.98
N GLN D 68 31.03 -14.72 -19.76
CA GLN D 68 31.13 -15.95 -19.01
C GLN D 68 32.50 -16.17 -18.43
N VAL D 69 32.51 -16.90 -17.33
CA VAL D 69 33.75 -17.38 -16.71
C VAL D 69 33.97 -18.83 -17.18
N ASN D 70 34.99 -19.07 -17.99
CA ASN D 70 35.25 -20.39 -18.53
C ASN D 70 36.01 -21.26 -17.53
N ASN D 71 36.95 -20.64 -16.81
CA ASN D 71 37.70 -21.34 -15.78
C ASN D 71 38.33 -20.33 -14.83
N LEU D 72 37.72 -20.18 -13.65
CA LEU D 72 38.08 -19.11 -12.74
C LEU D 72 39.51 -19.25 -12.25
N ASP D 73 39.88 -20.45 -11.83
CA ASP D 73 41.21 -20.67 -11.28
C ASP D 73 42.28 -20.42 -12.31
N ASP D 74 42.00 -20.73 -13.56
CA ASP D 74 42.97 -20.50 -14.62
C ASP D 74 42.80 -19.13 -15.34
N ASN D 75 41.92 -18.29 -14.82
CA ASN D 75 41.70 -16.94 -15.35
C ASN D 75 41.31 -16.92 -16.83
N GLN D 76 40.39 -17.79 -17.21
CA GLN D 76 39.85 -17.82 -18.54
C GLN D 76 38.41 -17.32 -18.58
N TYR D 77 38.15 -16.46 -19.57
CA TYR D 77 36.91 -15.74 -19.63
C TYR D 77 36.45 -15.62 -21.08
N GLY D 78 35.15 -15.58 -21.30
CA GLY D 78 34.62 -15.18 -22.59
C GLY D 78 34.29 -13.69 -22.62
N ILE D 79 34.59 -13.05 -23.76
CA ILE D 79 34.34 -11.63 -23.95
C ILE D 79 33.28 -11.46 -25.04
N GLU D 80 32.40 -10.48 -24.88
CA GLU D 80 31.33 -10.22 -25.84
C GLU D 80 31.26 -8.74 -26.16
N LEU D 81 31.22 -8.41 -27.44
CA LEU D 81 30.97 -7.05 -27.89
C LEU D 81 29.72 -7.05 -28.74
N THR D 82 28.91 -6.00 -28.62
CA THR D 82 27.78 -5.83 -29.55
C THR D 82 27.70 -4.40 -30.05
N VAL D 83 27.03 -4.27 -31.18
CA VAL D 83 26.77 -2.96 -31.80
CA VAL D 83 26.76 -2.96 -31.78
C VAL D 83 25.41 -3.00 -32.49
N SER D 84 24.63 -1.95 -32.34
CA SER D 84 23.40 -1.81 -33.10
C SER D 84 23.27 -0.38 -33.60
N GLY D 85 22.53 -0.19 -34.69
CA GLY D 85 22.53 1.08 -35.39
C GLY D 85 21.25 1.90 -35.28
N LYS D 86 21.09 2.81 -36.24
CA LYS D 86 19.97 3.72 -36.28
C LYS D 86 19.63 4.05 -37.72
N THR D 87 18.35 3.99 -38.06
CA THR D 87 17.88 4.33 -39.39
C THR D 87 17.53 5.80 -39.44
N VAL D 88 18.02 6.50 -40.45
CA VAL D 88 17.75 7.93 -40.63
C VAL D 88 17.08 8.15 -41.98
N TYR D 89 16.05 8.99 -42.02
CA TYR D 89 15.46 9.41 -43.29
C TYR D 89 15.90 10.83 -43.63
N GLU D 90 16.10 11.12 -44.91
CA GLU D 90 16.83 12.33 -45.33
C GLU D 90 15.91 13.50 -45.61
N THR D 98 14.60 8.66 -48.90
CA THR D 98 15.91 8.03 -48.63
C THR D 98 16.13 7.51 -47.21
N GLU D 99 16.33 6.20 -47.08
CA GLU D 99 16.85 5.61 -45.84
C GLU D 99 18.37 5.65 -45.84
N LYS D 100 18.98 5.90 -44.69
CA LYS D 100 20.40 5.75 -44.51
C LYS D 100 20.66 5.09 -43.16
N LYS D 101 21.78 4.40 -43.03
CA LYS D 101 22.12 3.74 -41.78
C LYS D 101 23.22 4.51 -41.08
N SER D 102 23.12 4.61 -39.76
CA SER D 102 24.05 5.40 -38.98
C SER D 102 25.42 4.73 -38.93
N ILE D 103 25.42 3.41 -39.10
CA ILE D 103 26.63 2.64 -39.13
C ILE D 103 26.76 2.08 -40.54
N GLU D 104 27.78 2.54 -41.26
CA GLU D 104 27.85 2.37 -42.71
C GLU D 104 29.30 2.07 -43.06
N ASN D 105 29.55 0.80 -43.36
CA ASN D 105 30.91 0.29 -43.46
C ASN D 105 31.72 0.69 -42.24
N GLY D 106 31.14 0.46 -41.07
CA GLY D 106 31.84 0.72 -39.81
C GLY D 106 32.82 -0.34 -39.40
N THR D 107 33.65 0.00 -38.43
CA THR D 107 34.78 -0.82 -38.00
C THR D 107 34.94 -0.83 -36.48
N ILE D 108 35.07 -2.03 -35.92
CA ILE D 108 35.45 -2.21 -34.52
C ILE D 108 36.94 -2.53 -34.45
N THR D 109 37.64 -1.84 -33.57
CA THR D 109 39.05 -2.06 -33.31
C THR D 109 39.22 -2.44 -31.84
N ASP D 110 39.74 -3.65 -31.61
CA ASP D 110 39.74 -4.27 -30.29
C ASP D 110 41.13 -4.87 -29.97
N PRO D 111 42.05 -4.06 -29.46
CA PRO D 111 43.35 -4.54 -28.99
C PRO D 111 43.22 -5.33 -27.71
N MET D 112 43.93 -6.46 -27.63
CA MET D 112 44.02 -7.17 -26.38
C MET D 112 44.73 -6.26 -25.39
N GLY D 113 44.35 -6.34 -24.13
CA GLY D 113 45.03 -5.62 -23.09
C GLY D 113 46.44 -6.22 -22.86
N GLU D 114 47.30 -5.44 -22.21
CA GLU D 114 48.57 -5.96 -21.73
C GLU D 114 48.33 -7.20 -20.88
N LEU D 115 49.11 -8.24 -21.12
CA LEU D 115 49.02 -9.52 -20.36
C LEU D 115 47.71 -10.27 -20.55
N ILE D 116 46.97 -9.93 -21.61
CA ILE D 116 45.74 -10.66 -21.95
C ILE D 116 45.99 -11.46 -23.23
N ASP D 117 45.89 -12.78 -23.14
CA ASP D 117 46.16 -13.65 -24.31
C ASP D 117 44.87 -14.15 -24.94
N LEU D 118 44.70 -13.79 -26.21
CA LEU D 118 43.54 -14.26 -26.98
C LEU D 118 43.71 -15.77 -27.22
N GLN D 119 42.65 -16.53 -27.11
CA GLN D 119 42.74 -17.96 -27.35
C GLN D 119 42.65 -18.24 -28.83
N LEU D 120 43.67 -18.92 -29.36
CA LEU D 120 43.84 -19.02 -30.82
C LEU D 120 43.74 -20.43 -31.42
N GLY D 121 43.72 -20.47 -32.76
CA GLY D 121 43.53 -21.66 -33.56
C GLY D 121 44.69 -22.62 -33.39
N THR D 122 44.59 -23.80 -34.03
CA THR D 122 45.66 -24.81 -34.02
C THR D 122 47.03 -24.24 -34.45
N ASP D 123 46.96 -23.47 -35.52
CA ASP D 123 48.06 -22.88 -36.21
C ASP D 123 48.53 -21.54 -35.61
N GLY D 124 48.05 -21.20 -34.41
CA GLY D 124 48.40 -19.92 -33.77
C GLY D 124 47.79 -18.68 -34.42
N ARG D 125 46.82 -18.85 -35.35
CA ARG D 125 46.08 -17.71 -35.84
C ARG D 125 44.69 -17.59 -35.26
N PHE D 126 44.05 -16.45 -35.44
CA PHE D 126 42.66 -16.26 -35.03
C PHE D 126 41.78 -16.76 -36.16
N ASP D 127 41.23 -17.96 -36.00
CA ASP D 127 40.51 -18.66 -37.05
C ASP D 127 39.03 -18.69 -36.73
N PRO D 128 38.18 -19.05 -37.70
CA PRO D 128 36.75 -19.08 -37.44
C PRO D 128 36.32 -19.81 -36.18
N ALA D 129 37.03 -20.88 -35.86
CA ALA D 129 36.69 -21.69 -34.68
C ALA D 129 36.95 -20.96 -33.38
N ASP D 130 37.64 -19.85 -33.40
CA ASP D 130 38.04 -19.15 -32.18
C ASP D 130 37.19 -17.94 -31.80
N TYR D 131 36.15 -17.68 -32.59
CA TYR D 131 35.23 -16.59 -32.32
C TYR D 131 33.84 -16.96 -32.87
N THR D 132 32.82 -16.22 -32.46
CA THR D 132 31.56 -16.18 -33.20
C THR D 132 31.24 -14.74 -33.58
N LEU D 133 30.73 -14.57 -34.79
CA LEU D 133 30.16 -13.29 -35.23
C LEU D 133 28.78 -13.60 -35.79
N THR D 134 27.76 -13.14 -35.07
CA THR D 134 26.37 -13.42 -35.40
C THR D 134 25.58 -12.12 -35.42
N ALA D 135 24.44 -12.15 -36.09
CA ALA D 135 23.59 -10.97 -36.16
C ALA D 135 22.11 -11.34 -35.99
N ASN D 136 21.30 -10.37 -35.60
CA ASN D 136 19.95 -10.67 -35.10
C ASN D 136 18.95 -10.84 -36.23
N ASP D 137 19.42 -10.84 -37.48
CA ASP D 137 18.62 -11.31 -38.62
C ASP D 137 18.82 -12.80 -38.86
N GLY D 138 19.59 -13.46 -38.00
CA GLY D 138 19.86 -14.88 -38.16
C GLY D 138 21.07 -15.20 -39.03
N SER D 139 21.81 -14.18 -39.45
CA SER D 139 23.03 -14.43 -40.21
C SER D 139 24.22 -14.63 -39.26
N ARG D 140 25.26 -15.25 -39.80
CA ARG D 140 26.50 -15.40 -39.08
C ARG D 140 27.65 -15.68 -40.03
N LEU D 141 28.87 -15.51 -39.54
CA LEU D 141 30.02 -16.06 -40.25
C LEU D 141 30.22 -17.54 -39.91
N GLU D 142 30.35 -18.36 -40.94
CA GLU D 142 30.63 -19.79 -40.79
C GLU D 142 31.88 -20.07 -41.58
N ASN D 143 32.95 -20.43 -40.88
CA ASN D 143 34.25 -20.62 -41.52
C ASN D 143 34.58 -19.41 -42.42
N GLY D 144 34.30 -18.20 -41.95
CA GLY D 144 34.71 -17.00 -42.70
C GLY D 144 33.67 -16.51 -43.67
N GLN D 145 32.69 -17.34 -44.00
CA GLN D 145 31.68 -16.99 -45.00
C GLN D 145 30.38 -16.55 -44.33
N ALA D 146 29.79 -15.47 -44.82
CA ALA D 146 28.51 -15.03 -44.28
C ALA D 146 27.42 -15.96 -44.81
N VAL D 147 26.63 -16.53 -43.91
CA VAL D 147 25.52 -17.38 -44.31
C VAL D 147 24.28 -16.98 -43.52
N GLY D 148 23.13 -17.47 -43.96
CA GLY D 148 21.88 -17.19 -43.34
C GLY D 148 21.35 -15.82 -43.67
N GLY D 149 20.49 -15.32 -42.79
CA GLY D 149 19.69 -14.13 -43.06
C GLY D 149 18.39 -14.55 -43.72
N PRO D 150 17.40 -13.65 -43.73
CA PRO D 150 16.13 -14.03 -44.33
C PRO D 150 16.22 -14.43 -45.81
N GLN D 151 17.22 -13.96 -46.55
CA GLN D 151 17.39 -14.39 -47.95
C GLN D 151 18.46 -15.48 -48.13
N ASN D 152 19.02 -15.97 -47.03
CA ASN D 152 20.12 -16.94 -47.12
C ASN D 152 21.25 -16.50 -48.03
N ASP D 153 21.62 -15.24 -47.89
CA ASP D 153 22.67 -14.63 -48.67
C ASP D 153 23.72 -13.98 -47.77
N GLY D 154 23.71 -14.29 -46.47
CA GLY D 154 24.63 -13.68 -45.51
C GLY D 154 24.10 -12.42 -44.82
N GLY D 155 22.96 -11.90 -45.30
CA GLY D 155 22.22 -10.86 -44.57
C GLY D 155 23.09 -9.73 -44.05
N LEU D 156 22.91 -9.36 -42.79
CA LEU D 156 23.63 -8.21 -42.21
C LEU D 156 25.15 -8.38 -42.22
N LEU D 157 25.62 -9.62 -42.38
CA LEU D 157 27.05 -9.87 -42.29
C LEU D 157 27.70 -10.12 -43.65
N LYS D 158 26.94 -9.90 -44.72
CA LYS D 158 27.39 -10.07 -46.12
C LYS D 158 28.79 -9.53 -46.38
N ASN D 159 29.12 -8.39 -45.77
CA ASN D 159 30.37 -7.70 -46.09
C ASN D 159 31.34 -7.68 -44.91
N ALA D 160 31.05 -8.45 -43.87
CA ALA D 160 31.81 -8.36 -42.66
C ALA D 160 33.01 -9.30 -42.71
N LYS D 161 34.10 -8.85 -42.11
CA LYS D 161 35.27 -9.69 -41.92
C LYS D 161 35.79 -9.50 -40.50
N VAL D 162 36.42 -10.54 -39.98
CA VAL D 162 37.11 -10.49 -38.68
C VAL D 162 38.61 -10.71 -38.93
N LEU D 163 39.43 -9.76 -38.51
CA LEU D 163 40.86 -9.76 -38.83
C LEU D 163 41.66 -9.74 -37.54
N TYR D 164 42.90 -10.24 -37.61
CA TYR D 164 43.75 -10.24 -36.42
C TYR D 164 45.18 -10.11 -36.89
N ASP D 165 46.02 -9.51 -36.07
CA ASP D 165 47.44 -9.48 -36.28
C ASP D 165 48.09 -10.11 -35.04
N THR D 166 48.91 -11.15 -35.24
CA THR D 166 49.48 -11.89 -34.11
C THR D 166 50.54 -11.12 -33.36
N THR D 167 51.14 -10.13 -34.00
CA THR D 167 52.15 -9.32 -33.33
C THR D 167 51.52 -8.24 -32.52
N GLU D 168 50.64 -7.48 -33.13
CA GLU D 168 49.99 -6.34 -32.49
C GLU D 168 48.89 -6.78 -31.56
N LYS D 169 48.43 -8.03 -31.69
CA LYS D 169 47.41 -8.57 -30.79
C LYS D 169 46.13 -7.74 -30.81
N ARG D 170 45.55 -7.61 -31.98
CA ARG D 170 44.45 -6.72 -32.16
C ARG D 170 43.44 -7.28 -33.15
N ILE D 171 42.19 -7.34 -32.72
CA ILE D 171 41.10 -7.81 -33.57
C ILE D 171 40.50 -6.58 -34.24
N ARG D 172 40.13 -6.71 -35.51
CA ARG D 172 39.29 -5.72 -36.16
C ARG D 172 38.11 -6.41 -36.83
N VAL D 173 36.92 -5.83 -36.70
CA VAL D 173 35.77 -6.27 -37.48
C VAL D 173 35.42 -5.16 -38.48
N THR D 174 35.45 -5.47 -39.76
CA THR D 174 35.13 -4.48 -40.78
C THR D 174 33.84 -4.84 -41.48
N GLY D 175 33.26 -3.86 -42.21
CA GLY D 175 32.10 -4.13 -43.04
C GLY D 175 30.75 -4.16 -42.31
N LEU D 176 30.59 -3.31 -41.29
CA LEU D 176 29.33 -3.24 -40.54
C LEU D 176 28.38 -2.20 -41.16
N TYR D 177 27.18 -2.67 -41.51
CA TYR D 177 26.11 -1.82 -42.01
C TYR D 177 24.82 -2.06 -41.19
N LEU D 178 24.46 -1.13 -40.33
CA LEU D 178 23.42 -1.38 -39.35
C LEU D 178 22.54 -0.16 -39.13
N GLY D 179 21.22 -0.35 -39.28
CA GLY D 179 20.24 0.62 -38.87
C GLY D 179 19.51 0.19 -37.60
N THR D 180 18.31 0.74 -37.40
CA THR D 180 17.51 0.48 -36.21
C THR D 180 17.22 -1.03 -36.02
N ASP D 181 17.50 -1.52 -34.81
CA ASP D 181 17.24 -2.90 -34.43
C ASP D 181 17.99 -3.90 -35.29
N GLU D 182 19.08 -3.44 -35.90
CA GLU D 182 20.00 -4.32 -36.59
C GLU D 182 21.25 -4.40 -35.71
N LYS D 183 21.58 -5.60 -35.26
CA LYS D 183 22.55 -5.79 -34.17
C LYS D 183 23.50 -6.94 -34.47
N VAL D 184 24.77 -6.71 -34.16
CA VAL D 184 25.81 -7.70 -34.40
C VAL D 184 26.53 -7.98 -33.10
N THR D 185 26.92 -9.23 -32.90
CA THR D 185 27.54 -9.68 -31.63
C THR D 185 28.81 -10.47 -31.98
N LEU D 186 29.93 -10.10 -31.34
CA LEU D 186 31.19 -10.83 -31.44
C LEU D 186 31.53 -11.47 -30.10
N THR D 187 31.94 -12.74 -30.11
CA THR D 187 32.47 -13.40 -28.90
C THR D 187 33.81 -14.05 -29.20
N TYR D 188 34.64 -14.11 -28.16
CA TYR D 188 35.92 -14.80 -28.19
C TYR D 188 36.36 -15.08 -26.75
N ASN D 189 37.43 -15.85 -26.55
CA ASN D 189 37.93 -16.17 -25.23
C ASN D 189 39.34 -15.61 -24.99
N VAL D 190 39.61 -15.29 -23.73
CA VAL D 190 40.92 -14.79 -23.33
C VAL D 190 41.37 -15.45 -22.05
N ARG D 191 42.65 -15.35 -21.80
CA ARG D 191 43.26 -15.85 -20.56
C ARG D 191 44.30 -14.84 -20.03
N LEU D 192 44.27 -14.62 -18.72
CA LEU D 192 45.28 -13.79 -18.09
C LEU D 192 46.63 -14.50 -18.19
N ASN D 193 47.64 -13.77 -18.66
CA ASN D 193 48.99 -14.32 -18.74
C ASN D 193 49.55 -14.66 -17.35
N ASP D 194 50.37 -15.71 -17.28
CA ASP D 194 50.98 -16.15 -16.00
C ASP D 194 51.89 -15.10 -15.33
N GLU D 195 52.37 -14.13 -16.09
CA GLU D 195 53.27 -13.12 -15.56
C GLU D 195 52.57 -11.93 -14.92
N PHE D 196 51.30 -12.10 -14.60
CA PHE D 196 50.55 -11.04 -13.92
C PHE D 196 51.23 -10.66 -12.60
N VAL D 197 51.08 -9.40 -12.23
CA VAL D 197 51.40 -8.92 -10.89
C VAL D 197 50.22 -9.22 -9.97
N SER D 198 50.49 -9.78 -8.80
CA SER D 198 49.43 -10.21 -7.87
C SER D 198 48.53 -9.05 -7.46
N ASN D 199 47.22 -9.28 -7.56
CA ASN D 199 46.20 -8.33 -7.13
C ASN D 199 46.02 -7.10 -8.01
N LYS D 200 46.81 -6.98 -9.06
CA LYS D 200 46.62 -5.87 -9.98
C LYS D 200 45.50 -6.22 -10.95
N PHE D 201 44.54 -5.31 -11.13
CA PHE D 201 43.56 -5.47 -12.21
C PHE D 201 44.12 -5.08 -13.57
N TYR D 202 43.83 -5.90 -14.57
CA TYR D 202 44.27 -5.64 -15.93
C TYR D 202 43.05 -5.50 -16.83
N ASP D 203 43.01 -4.40 -17.58
CA ASP D 203 41.97 -4.20 -18.57
C ASP D 203 42.04 -5.38 -19.54
N THR D 204 40.90 -5.95 -19.92
CA THR D 204 40.93 -7.09 -20.86
C THR D 204 41.28 -6.61 -22.24
N ASN D 205 41.05 -5.32 -22.53
CA ASN D 205 41.31 -4.77 -23.85
C ASN D 205 42.11 -3.47 -23.72
N GLY D 206 42.82 -3.11 -24.77
CA GLY D 206 43.24 -1.71 -24.92
C GLY D 206 42.08 -0.83 -25.29
N ARG D 207 42.35 0.37 -25.77
CA ARG D 207 41.27 1.25 -26.17
C ARG D 207 40.47 0.56 -27.29
N THR D 208 39.18 0.35 -27.03
CA THR D 208 38.33 -0.42 -27.92
C THR D 208 37.28 0.54 -28.50
N THR D 209 37.20 0.59 -29.83
CA THR D 209 36.45 1.65 -30.50
C THR D 209 35.56 1.14 -31.62
N LEU D 210 34.50 1.90 -31.88
CA LEU D 210 33.73 1.79 -33.10
C LEU D 210 33.92 3.06 -33.93
N HIS D 211 34.31 2.91 -35.19
CA HIS D 211 34.15 3.98 -36.20
C HIS D 211 32.90 3.69 -36.98
N PRO D 212 31.80 4.39 -36.70
CA PRO D 212 30.53 4.05 -37.32
C PRO D 212 30.52 4.17 -38.83
N LYS D 213 31.29 5.12 -39.38
CA LYS D 213 31.26 5.37 -40.83
C LYS D 213 32.68 5.44 -41.40
N GLU D 214 32.95 4.64 -42.43
CA GLU D 214 34.21 4.77 -43.19
C GLU D 214 34.43 6.19 -43.73
N VAL D 215 33.33 6.86 -44.06
CA VAL D 215 33.36 8.20 -44.63
C VAL D 215 33.72 9.27 -43.58
N GLU D 216 33.59 8.94 -42.30
CA GLU D 216 33.96 9.86 -41.22
C GLU D 216 35.15 9.31 -40.46
N GLN D 217 36.34 9.69 -40.91
CA GLN D 217 37.56 9.13 -40.38
C GLN D 217 37.76 9.50 -38.89
N ASN D 218 37.26 10.66 -38.48
CA ASN D 218 37.50 11.15 -37.13
C ASN D 218 36.42 10.85 -36.10
N THR D 219 35.29 10.28 -36.51
CA THR D 219 34.24 9.95 -35.56
C THR D 219 34.49 8.57 -34.95
N VAL D 220 34.76 8.58 -33.66
CA VAL D 220 35.11 7.39 -32.91
C VAL D 220 34.27 7.30 -31.61
N ARG D 221 33.82 6.09 -31.28
CA ARG D 221 33.07 5.85 -30.05
C ARG D 221 33.70 4.71 -29.25
N ASP D 222 33.93 4.96 -27.98
CA ASP D 222 34.56 3.98 -27.10
C ASP D 222 33.57 2.97 -26.52
N PHE D 223 34.00 1.70 -26.51
CA PHE D 223 33.42 0.66 -25.70
C PHE D 223 34.00 0.78 -24.30
N PRO D 224 33.22 0.44 -23.26
CA PRO D 224 33.74 0.30 -21.92
C PRO D 224 34.56 -1.00 -21.76
N ILE D 225 35.45 -1.04 -20.77
CA ILE D 225 36.45 -2.11 -20.67
C ILE D 225 36.36 -2.88 -19.35
N PRO D 226 36.13 -4.20 -19.44
CA PRO D 226 36.20 -5.06 -18.27
C PRO D 226 37.61 -5.21 -17.74
N LYS D 227 37.76 -5.70 -16.51
CA LYS D 227 39.07 -5.92 -15.90
C LYS D 227 39.10 -7.26 -15.18
N ILE D 228 40.28 -7.86 -15.15
CA ILE D 228 40.51 -9.11 -14.42
C ILE D 228 41.84 -9.09 -13.68
N ARG D 229 41.94 -9.95 -12.67
CA ARG D 229 43.15 -10.09 -11.89
C ARG D 229 43.21 -11.51 -11.34
N ASP D 230 44.37 -11.92 -10.87
CA ASP D 230 44.42 -13.05 -9.99
C ASP D 230 44.81 -12.62 -8.57
N GLN E 17 13.69 -7.54 6.48
CA GLN E 17 12.59 -6.61 6.09
C GLN E 17 13.01 -5.70 4.94
N TYR E 18 12.72 -6.10 3.70
CA TYR E 18 12.89 -5.20 2.54
C TYR E 18 11.57 -5.03 1.76
N PRO E 19 11.17 -3.80 1.45
CA PRO E 19 10.11 -3.67 0.45
C PRO E 19 10.55 -4.33 -0.85
N GLN E 20 9.62 -4.99 -1.52
CA GLN E 20 9.92 -5.74 -2.75
C GLN E 20 9.70 -4.89 -3.99
N THR E 21 8.84 -3.87 -3.88
CA THR E 21 8.43 -3.10 -5.04
C THR E 21 8.22 -1.62 -4.73
N GLY E 22 8.22 -0.82 -5.79
CA GLY E 22 7.63 0.51 -5.76
C GLY E 22 6.51 0.57 -6.79
N THR E 23 5.80 1.69 -6.77
CA THR E 23 4.69 1.88 -7.67
C THR E 23 4.84 3.21 -8.41
N TYR E 24 4.72 3.14 -9.72
CA TYR E 24 4.70 4.34 -10.54
C TYR E 24 3.36 5.06 -10.31
N PRO E 25 3.38 6.29 -9.80
CA PRO E 25 2.13 7.00 -9.61
C PRO E 25 1.35 7.25 -10.89
N ASP E 26 2.02 7.49 -12.02
CA ASP E 26 1.30 7.86 -13.24
C ASP E 26 0.36 6.74 -13.68
N VAL E 27 0.80 5.49 -13.64
CA VAL E 27 -0.02 4.39 -14.12
C VAL E 27 -0.40 3.36 -13.04
N GLN E 28 0.10 3.55 -11.83
CA GLN E 28 -0.19 2.62 -10.73
C GLN E 28 0.13 1.15 -11.03
N THR E 29 1.29 0.89 -11.61
CA THR E 29 1.80 -0.48 -11.78
C THR E 29 3.16 -0.61 -11.08
N PRO E 30 3.52 -1.82 -10.64
CA PRO E 30 4.74 -1.99 -9.82
C PRO E 30 6.05 -2.08 -10.60
N TYR E 31 7.15 -1.69 -9.95
CA TYR E 31 8.50 -2.02 -10.42
C TYR E 31 9.25 -2.71 -9.29
N GLN E 32 10.12 -3.66 -9.64
CA GLN E 32 10.87 -4.40 -8.63
C GLN E 32 12.03 -3.57 -8.13
N ILE E 33 12.44 -3.78 -6.88
CA ILE E 33 13.63 -3.14 -6.37
C ILE E 33 14.54 -4.17 -5.71
N ILE E 34 15.85 -4.00 -5.88
CA ILE E 34 16.84 -4.98 -5.40
C ILE E 34 18.10 -4.33 -4.85
N LYS E 35 18.89 -5.15 -4.19
CA LYS E 35 20.09 -4.72 -3.46
C LYS E 35 21.00 -3.93 -4.38
N VAL E 36 21.55 -2.86 -3.84
CA VAL E 36 22.58 -2.07 -4.49
C VAL E 36 23.97 -2.60 -4.15
N ASP E 37 24.80 -2.78 -5.18
CA ASP E 37 26.13 -3.31 -4.96
CA ASP E 37 26.17 -3.26 -5.04
C ASP E 37 26.94 -2.28 -4.15
N GLY E 38 27.64 -2.78 -3.14
CA GLY E 38 28.43 -1.92 -2.26
C GLY E 38 27.67 -1.44 -1.02
N SER E 39 26.43 -1.92 -0.83
CA SER E 39 25.59 -1.45 0.27
C SER E 39 25.46 -2.46 1.40
N GLU E 40 26.16 -3.58 1.30
CA GLU E 40 26.12 -4.58 2.39
C GLU E 40 26.82 -4.11 3.66
N LYS E 41 26.17 -4.34 4.79
CA LYS E 41 26.69 -3.97 6.09
C LYS E 41 26.16 -4.93 7.14
N ASN E 42 27.05 -5.70 7.75
CA ASN E 42 26.65 -6.67 8.78
C ASN E 42 25.53 -7.60 8.31
N GLY E 43 25.65 -8.14 7.10
CA GLY E 43 24.68 -9.12 6.59
C GLY E 43 23.34 -8.55 6.13
N GLN E 44 23.14 -7.24 6.25
CA GLN E 44 21.95 -6.56 5.69
C GLN E 44 22.41 -5.61 4.59
N HIS E 45 21.55 -5.29 3.63
CA HIS E 45 21.90 -4.24 2.68
C HIS E 45 21.16 -2.92 2.96
N LYS E 46 21.84 -1.82 2.73
CA LYS E 46 21.35 -0.51 3.12
C LYS E 46 20.74 0.28 1.97
N ALA E 47 20.79 -0.26 0.75
CA ALA E 47 20.25 0.47 -0.38
C ALA E 47 19.59 -0.43 -1.41
N LEU E 48 18.56 0.11 -2.08
CA LEU E 48 17.79 -0.63 -3.05
C LEU E 48 17.60 0.21 -4.31
N ASN E 49 17.73 -0.44 -5.47
CA ASN E 49 17.54 0.21 -6.77
C ASN E 49 16.38 -0.46 -7.50
N PRO E 50 15.67 0.31 -8.32
CA PRO E 50 14.72 -0.29 -9.25
C PRO E 50 15.42 -1.28 -10.17
N ASN E 51 14.71 -2.32 -10.58
CA ASN E 51 15.30 -3.40 -11.42
C ASN E 51 14.27 -3.87 -12.45
N PRO E 52 14.38 -3.41 -13.69
CA PRO E 52 15.47 -2.57 -14.21
C PRO E 52 15.33 -1.11 -13.76
N TYR E 53 16.40 -0.33 -13.84
CA TYR E 53 16.35 1.06 -13.44
C TYR E 53 16.01 1.96 -14.63
N GLU E 54 15.99 1.39 -15.83
CA GLU E 54 15.48 2.08 -17.02
C GLU E 54 13.98 1.79 -17.23
N ARG E 55 13.24 2.79 -17.65
CA ARG E 55 11.84 2.63 -18.02
C ARG E 55 11.59 3.16 -19.43
N VAL E 56 10.96 2.34 -20.27
CA VAL E 56 10.64 2.77 -21.61
C VAL E 56 9.29 3.48 -21.62
N ILE E 57 9.31 4.75 -22.02
CA ILE E 57 8.12 5.55 -22.10
C ILE E 57 7.78 5.91 -23.55
N PRO E 58 6.58 6.43 -23.80
CA PRO E 58 6.22 6.63 -25.20
C PRO E 58 7.18 7.56 -25.95
N GLU E 59 7.83 8.47 -25.22
CA GLU E 59 8.72 9.47 -25.80
C GLU E 59 10.19 9.02 -25.88
N GLY E 60 10.50 7.86 -25.33
CA GLY E 60 11.87 7.36 -25.30
C GLY E 60 12.15 6.51 -24.07
N THR E 61 13.23 6.81 -23.37
CA THR E 61 13.64 6.03 -22.19
C THR E 61 14.08 6.96 -21.10
N LEU E 62 13.72 6.65 -19.86
CA LEU E 62 14.27 7.36 -18.73
C LEU E 62 14.82 6.38 -17.69
N SER E 63 15.63 6.88 -16.76
CA SER E 63 16.28 6.02 -15.77
C SER E 63 16.66 6.79 -14.53
N LYS E 64 16.68 6.08 -13.40
CA LYS E 64 17.17 6.65 -12.16
C LYS E 64 17.65 5.53 -11.25
N ARG E 65 18.81 5.75 -10.64
CA ARG E 65 19.43 4.78 -9.74
C ARG E 65 20.44 5.48 -8.84
N ILE E 66 20.73 4.83 -7.72
CA ILE E 66 21.95 5.02 -7.03
C ILE E 66 23.05 4.40 -7.87
N TYR E 67 24.01 5.21 -8.31
CA TYR E 67 25.07 4.73 -9.22
C TYR E 67 26.41 4.52 -8.55
N GLN E 68 26.54 5.05 -7.33
CA GLN E 68 27.70 4.74 -6.51
C GLN E 68 27.45 5.02 -5.03
N VAL E 69 28.20 4.30 -4.22
CA VAL E 69 28.19 4.47 -2.78
C VAL E 69 29.42 5.30 -2.41
N ASN E 70 29.22 6.54 -1.95
CA ASN E 70 30.33 7.44 -1.67
C ASN E 70 30.90 7.19 -0.30
N ASN E 71 30.02 6.91 0.67
CA ASN E 71 30.43 6.57 2.04
C ASN E 71 29.29 5.84 2.75
N LEU E 72 29.42 4.53 2.85
CA LEU E 72 28.33 3.68 3.30
C LEU E 72 27.93 4.00 4.74
N ASP E 73 28.91 4.10 5.61
CA ASP E 73 28.65 4.34 7.03
C ASP E 73 27.98 5.68 7.25
N ASP E 74 28.32 6.66 6.44
CA ASP E 74 27.72 7.97 6.58
C ASP E 74 26.51 8.20 5.67
N ASN E 75 26.06 7.13 5.00
CA ASN E 75 24.87 7.17 4.16
C ASN E 75 24.94 8.22 3.04
N GLN E 76 26.06 8.23 2.34
CA GLN E 76 26.27 9.13 1.22
C GLN E 76 26.33 8.35 -0.07
N TYR E 77 25.60 8.84 -1.05
CA TYR E 77 25.39 8.10 -2.29
C TYR E 77 25.39 9.06 -3.48
N GLY E 78 25.81 8.56 -4.64
CA GLY E 78 25.60 9.30 -5.88
C GLY E 78 24.31 8.84 -6.55
N ILE E 79 23.58 9.81 -7.10
CA ILE E 79 22.33 9.53 -7.80
C ILE E 79 22.51 9.90 -9.27
N GLU E 80 21.92 9.13 -10.17
CA GLU E 80 22.04 9.36 -11.60
C GLU E 80 20.68 9.25 -12.26
N LEU E 81 20.34 10.25 -13.07
CA LEU E 81 19.11 10.23 -13.87
C LEU E 81 19.51 10.34 -15.32
N THR E 82 18.83 9.59 -16.20
CA THR E 82 19.02 9.79 -17.64
C THR E 82 17.69 9.90 -18.36
N VAL E 83 17.76 10.48 -19.55
CA VAL E 83 16.62 10.61 -20.44
C VAL E 83 17.12 10.52 -21.89
N SER E 84 16.37 9.83 -22.74
CA SER E 84 16.64 9.84 -24.15
C SER E 84 15.32 9.91 -24.90
N GLY E 85 15.36 10.41 -26.13
CA GLY E 85 14.16 10.76 -26.84
C GLY E 85 13.81 9.88 -28.03
N LYS E 86 13.01 10.46 -28.93
CA LYS E 86 12.54 9.75 -30.09
C LYS E 86 12.33 10.73 -31.22
N THR E 87 12.82 10.36 -32.41
CA THR E 87 12.65 11.16 -33.58
C THR E 87 11.39 10.72 -34.31
N VAL E 88 10.56 11.69 -34.67
CA VAL E 88 9.34 11.42 -35.41
C VAL E 88 9.39 12.16 -36.74
N TYR E 89 9.03 11.48 -37.82
CA TYR E 89 8.87 12.13 -39.10
C TYR E 89 7.38 12.34 -39.39
N GLU E 90 7.05 13.46 -40.01
CA GLU E 90 5.66 13.91 -40.11
C GLU E 90 5.00 13.44 -41.41
N THR E 98 9.94 16.62 -42.59
CA THR E 98 9.98 17.17 -41.24
C THR E 98 10.38 16.17 -40.14
N GLU E 99 11.51 16.42 -39.49
CA GLU E 99 11.86 15.79 -38.22
C GLU E 99 11.23 16.56 -37.07
N LYS E 100 10.79 15.84 -36.06
CA LYS E 100 10.39 16.45 -34.79
C LYS E 100 10.91 15.59 -33.66
N LYS E 101 11.15 16.20 -32.51
CA LYS E 101 11.64 15.46 -31.35
C LYS E 101 10.54 15.25 -30.34
N SER E 102 10.49 14.04 -29.76
CA SER E 102 9.46 13.70 -28.79
C SER E 102 9.67 14.48 -27.50
N ILE E 103 10.91 14.88 -27.25
CA ILE E 103 11.23 15.66 -26.07
C ILE E 103 11.69 17.02 -26.56
N GLU E 104 10.90 18.03 -26.24
CA GLU E 104 11.00 19.33 -26.89
C GLU E 104 10.80 20.41 -25.84
N ASN E 105 11.89 21.04 -25.43
CA ASN E 105 11.94 21.87 -24.25
C ASN E 105 11.32 21.14 -23.06
N GLY E 106 11.73 19.90 -22.86
CA GLY E 106 11.32 19.09 -21.71
C GLY E 106 11.97 19.46 -20.39
N THR E 107 11.37 18.96 -19.31
CA THR E 107 11.75 19.33 -17.96
C THR E 107 11.75 18.11 -17.05
N ILE E 108 12.85 17.94 -16.31
CA ILE E 108 12.91 16.99 -15.21
C ILE E 108 12.70 17.73 -13.92
N THR E 109 11.82 17.19 -13.08
CA THR E 109 11.54 17.72 -11.76
C THR E 109 11.86 16.66 -10.73
N ASP E 110 12.82 16.95 -9.86
CA ASP E 110 13.41 15.97 -8.98
C ASP E 110 13.50 16.51 -7.56
N PRO E 111 12.40 16.41 -6.77
CA PRO E 111 12.44 16.72 -5.35
C PRO E 111 13.27 15.73 -4.57
N MET E 112 14.10 16.23 -3.66
CA MET E 112 14.79 15.35 -2.73
C MET E 112 13.70 14.73 -1.88
N GLY E 113 13.93 13.48 -1.48
CA GLY E 113 13.04 12.80 -0.56
C GLY E 113 13.07 13.42 0.82
N GLU E 114 12.06 13.11 1.60
CA GLU E 114 12.07 13.42 3.02
C GLU E 114 13.36 12.89 3.65
N LEU E 115 14.02 13.73 4.44
CA LEU E 115 15.25 13.35 5.13
C LEU E 115 16.43 13.06 4.21
N ILE E 116 16.37 13.53 2.97
CA ILE E 116 17.48 13.38 2.02
C ILE E 116 18.07 14.75 1.74
N ASP E 117 19.34 14.95 2.10
CA ASP E 117 20.03 16.23 1.89
C ASP E 117 20.95 16.20 0.67
N LEU E 118 20.65 17.07 -0.30
CA LEU E 118 21.51 17.30 -1.44
C LEU E 118 22.85 17.87 -0.98
N GLN E 119 23.96 17.38 -1.52
CA GLN E 119 25.27 17.90 -1.10
C GLN E 119 25.58 19.17 -1.85
N LEU E 120 25.83 20.25 -1.09
CA LEU E 120 26.08 21.57 -1.65
C LEU E 120 27.50 22.11 -1.36
N GLY E 121 28.33 21.27 -0.78
CA GLY E 121 29.72 21.66 -0.50
C GLY E 121 29.81 22.68 0.62
N THR E 122 31.01 23.17 0.87
CA THR E 122 31.26 24.00 2.04
C THR E 122 30.46 25.29 2.04
N ASP E 123 30.24 25.90 0.87
CA ASP E 123 29.52 27.18 0.83
C ASP E 123 27.99 27.07 1.02
N GLY E 124 27.44 25.85 1.06
CA GLY E 124 26.01 25.65 1.24
C GLY E 124 25.12 26.14 0.10
N ARG E 125 25.71 26.36 -1.08
CA ARG E 125 24.97 26.84 -2.24
C ARG E 125 25.06 25.87 -3.41
N PHE E 126 24.07 25.91 -4.31
CA PHE E 126 24.03 24.96 -5.41
C PHE E 126 24.85 25.49 -6.59
N ASP E 127 26.05 24.96 -6.75
CA ASP E 127 26.98 25.42 -7.75
C ASP E 127 27.18 24.36 -8.82
N PRO E 128 27.73 24.75 -9.97
CA PRO E 128 28.21 23.76 -10.96
C PRO E 128 29.03 22.61 -10.37
N ALA E 129 29.81 22.88 -9.34
CA ALA E 129 30.60 21.86 -8.67
C ALA E 129 29.77 20.76 -8.02
N ASP E 130 28.48 20.99 -7.82
CA ASP E 130 27.63 20.03 -7.08
C ASP E 130 26.77 19.10 -7.95
N TYR E 131 26.92 19.18 -9.25
CA TYR E 131 26.24 18.28 -10.16
C TYR E 131 27.06 18.10 -11.44
N THR E 132 26.75 17.05 -12.22
CA THR E 132 27.16 17.01 -13.61
C THR E 132 25.95 16.85 -14.52
N LEU E 133 25.99 17.55 -15.65
CA LEU E 133 25.06 17.35 -16.73
C LEU E 133 25.85 17.16 -18.03
N THR E 134 25.74 15.97 -18.59
CA THR E 134 26.47 15.58 -19.80
C THR E 134 25.51 14.98 -20.80
N ALA E 135 25.92 14.94 -22.06
CA ALA E 135 25.11 14.30 -23.09
C ALA E 135 26.01 13.45 -24.02
N ASN E 136 25.37 12.49 -24.72
CA ASN E 136 26.10 11.47 -25.44
C ASN E 136 26.58 11.97 -26.78
N ASP E 137 26.42 13.27 -27.05
CA ASP E 137 27.11 13.88 -28.18
C ASP E 137 28.45 14.45 -27.76
N GLY E 138 28.82 14.25 -26.50
CA GLY E 138 30.06 14.78 -25.96
C GLY E 138 29.93 16.22 -25.41
N SER E 139 28.73 16.77 -25.35
CA SER E 139 28.54 18.08 -24.74
C SER E 139 28.36 17.96 -23.22
N ARG E 140 28.59 19.05 -22.51
CA ARG E 140 28.36 19.10 -21.08
C ARG E 140 28.20 20.54 -20.58
N LEU E 141 27.66 20.68 -19.38
CA LEU E 141 27.70 21.98 -18.71
C LEU E 141 29.00 22.10 -17.94
N GLU E 142 29.68 23.22 -18.14
CA GLU E 142 30.91 23.52 -17.43
C GLU E 142 30.77 24.89 -16.84
N ASN E 143 30.76 24.95 -15.53
CA ASN E 143 30.45 26.17 -14.81
C ASN E 143 29.20 26.86 -15.37
N GLY E 144 28.17 26.08 -15.64
CA GLY E 144 26.90 26.64 -16.10
C GLY E 144 26.78 26.78 -17.61
N GLN E 145 27.91 26.73 -18.33
CA GLN E 145 27.91 26.93 -19.78
C GLN E 145 27.97 25.65 -20.57
N ALA E 146 27.12 25.54 -21.59
CA ALA E 146 27.15 24.38 -22.46
C ALA E 146 28.39 24.47 -23.35
N VAL E 147 29.20 23.41 -23.34
CA VAL E 147 30.38 23.37 -24.20
C VAL E 147 30.46 22.01 -24.85
N GLY E 148 31.29 21.90 -25.88
CA GLY E 148 31.49 20.64 -26.59
C GLY E 148 30.39 20.33 -27.58
N GLY E 149 30.28 19.06 -27.91
CA GLY E 149 29.47 18.60 -29.04
C GLY E 149 30.28 18.58 -30.32
N PRO E 150 29.76 17.92 -31.36
CA PRO E 150 30.50 17.88 -32.61
C PRO E 150 30.79 19.26 -33.22
N GLN E 151 29.97 20.28 -32.94
CA GLN E 151 30.26 21.64 -33.42
C GLN E 151 30.94 22.54 -32.39
N ASN E 152 31.27 21.99 -31.24
CA ASN E 152 31.84 22.78 -30.15
C ASN E 152 31.01 24.03 -29.85
N ASP E 153 29.70 23.87 -29.80
CA ASP E 153 28.78 24.97 -29.54
C ASP E 153 27.83 24.67 -28.41
N GLY E 154 28.11 23.61 -27.63
CA GLY E 154 27.21 23.18 -26.56
C GLY E 154 26.23 22.08 -26.95
N GLY E 155 26.12 21.81 -28.25
CA GLY E 155 25.39 20.65 -28.76
C GLY E 155 24.04 20.44 -28.12
N LEU E 156 23.77 19.22 -27.67
CA LEU E 156 22.46 18.87 -27.12
C LEU E 156 22.09 19.67 -25.88
N LEU E 157 23.08 20.26 -25.23
CA LEU E 157 22.83 20.96 -23.97
C LEU E 157 22.85 22.49 -24.12
N LYS E 158 22.89 22.98 -25.36
CA LYS E 158 22.87 24.42 -25.68
C LYS E 158 21.90 25.24 -24.85
N ASN E 159 20.73 24.69 -24.61
CA ASN E 159 19.64 25.40 -23.96
C ASN E 159 19.28 24.85 -22.59
N ALA E 160 20.11 23.98 -22.06
CA ALA E 160 19.77 23.28 -20.84
C ALA E 160 20.25 24.06 -19.64
N LYS E 161 19.48 23.99 -18.56
CA LYS E 161 19.88 24.58 -17.28
C LYS E 161 19.59 23.58 -16.16
N VAL E 162 20.39 23.64 -15.10
CA VAL E 162 20.14 22.88 -13.89
C VAL E 162 19.90 23.83 -12.73
N LEU E 163 18.73 23.75 -12.09
CA LEU E 163 18.33 24.71 -11.06
C LEU E 163 18.04 23.99 -9.75
N TYR E 164 18.23 24.66 -8.63
CA TYR E 164 17.84 24.10 -7.35
C TYR E 164 16.97 25.10 -6.61
N ASP E 165 15.81 24.62 -6.16
CA ASP E 165 14.83 25.46 -5.49
C ASP E 165 14.96 25.15 -4.00
N THR E 166 15.46 26.12 -3.25
CA THR E 166 15.97 25.85 -1.89
C THR E 166 14.84 25.61 -0.88
N THR E 167 13.65 26.11 -1.21
CA THR E 167 12.51 25.98 -0.34
C THR E 167 11.87 24.61 -0.51
N GLU E 168 11.58 24.24 -1.76
CA GLU E 168 10.98 22.96 -2.03
C GLU E 168 12.00 21.82 -2.03
N LYS E 169 13.28 22.17 -1.99
CA LYS E 169 14.38 21.19 -1.97
C LYS E 169 14.31 20.28 -3.20
N ARG E 170 14.39 20.91 -4.37
CA ARG E 170 14.12 20.22 -5.58
C ARG E 170 15.03 20.71 -6.72
N ILE E 171 15.56 19.75 -7.46
CA ILE E 171 16.34 20.04 -8.64
C ILE E 171 15.41 20.05 -9.84
N ARG E 172 15.66 20.97 -10.78
CA ARG E 172 14.97 20.95 -12.06
C ARG E 172 16.01 21.06 -13.19
N VAL E 173 15.78 20.30 -14.24
CA VAL E 173 16.58 20.43 -15.45
C VAL E 173 15.63 20.90 -16.55
N THR E 174 15.90 22.08 -17.11
CA THR E 174 15.04 22.60 -18.16
C THR E 174 15.80 22.63 -19.47
N GLY E 175 15.07 22.76 -20.58
CA GLY E 175 15.68 22.99 -21.90
C GLY E 175 16.14 21.73 -22.60
N LEU E 176 15.43 20.62 -22.43
CA LEU E 176 15.82 19.36 -23.05
C LEU E 176 15.16 19.18 -24.41
N TYR E 177 16.00 18.98 -25.43
CA TYR E 177 15.54 18.71 -26.79
C TYR E 177 16.23 17.45 -27.33
N LEU E 178 15.48 16.35 -27.43
CA LEU E 178 16.09 15.04 -27.62
C LEU E 178 15.27 14.17 -28.54
N GLY E 179 15.92 13.68 -29.59
CA GLY E 179 15.34 12.64 -30.45
C GLY E 179 16.00 11.31 -30.20
N THR E 180 15.90 10.44 -31.19
CA THR E 180 16.43 9.07 -31.09
C THR E 180 17.93 9.07 -30.81
N ASP E 181 18.34 8.28 -29.82
CA ASP E 181 19.73 8.11 -29.43
C ASP E 181 20.39 9.41 -29.02
N GLU E 182 19.58 10.37 -28.62
CA GLU E 182 20.10 11.58 -27.98
C GLU E 182 19.76 11.49 -26.50
N LYS E 183 20.80 11.46 -25.68
CA LYS E 183 20.67 11.07 -24.28
C LYS E 183 21.44 12.01 -23.36
N VAL E 184 20.82 12.35 -22.24
CA VAL E 184 21.36 13.28 -21.29
C VAL E 184 21.39 12.61 -19.93
N THR E 185 22.44 12.90 -19.16
CA THR E 185 22.66 12.28 -17.85
C THR E 185 22.92 13.38 -16.82
N LEU E 186 22.17 13.33 -15.72
CA LEU E 186 22.39 14.18 -14.55
C LEU E 186 22.92 13.34 -13.37
N THR E 187 23.94 13.83 -12.68
CA THR E 187 24.38 13.21 -11.44
C THR E 187 24.51 14.28 -10.35
N TYR E 188 24.33 13.84 -9.10
CA TYR E 188 24.55 14.66 -7.91
C TYR E 188 24.69 13.71 -6.72
N ASN E 189 25.06 14.25 -5.57
CA ASN E 189 25.24 13.43 -4.36
C ASN E 189 24.26 13.79 -3.26
N VAL E 190 23.92 12.81 -2.43
CA VAL E 190 22.99 13.01 -1.32
C VAL E 190 23.50 12.32 -0.09
N ARG E 191 22.91 12.69 1.04
CA ARG E 191 23.19 12.09 2.32
C ARG E 191 21.90 11.97 3.14
N LEU E 192 21.76 10.84 3.83
CA LEU E 192 20.65 10.64 4.74
C LEU E 192 20.81 11.57 5.93
N ASN E 193 19.75 12.32 6.22
CA ASN E 193 19.77 13.26 7.36
C ASN E 193 19.89 12.52 8.68
N ASP E 194 20.52 13.14 9.66
CA ASP E 194 20.74 12.49 10.96
C ASP E 194 19.48 12.16 11.75
N GLU E 195 18.36 12.79 11.42
CA GLU E 195 17.09 12.50 12.11
C GLU E 195 16.40 11.22 11.62
N PHE E 196 17.11 10.39 10.86
CA PHE E 196 16.51 9.15 10.35
C PHE E 196 16.08 8.25 11.49
N VAL E 197 15.01 7.52 11.25
CA VAL E 197 14.61 6.41 12.10
C VAL E 197 15.35 5.17 11.63
N SER E 198 15.90 4.42 12.58
CA SER E 198 16.57 3.14 12.25
C SER E 198 15.73 2.17 11.48
N ASN E 199 16.33 1.59 10.43
CA ASN E 199 15.72 0.46 9.67
C ASN E 199 14.60 0.83 8.75
N LYS E 200 14.19 2.08 8.78
CA LYS E 200 13.23 2.58 7.82
C LYS E 200 13.96 2.91 6.53
N PHE E 201 13.44 2.38 5.41
CA PHE E 201 13.93 2.80 4.10
C PHE E 201 13.29 4.13 3.70
N TYR E 202 14.10 5.03 3.17
CA TYR E 202 13.64 6.33 2.70
C TYR E 202 13.86 6.43 1.20
N ASP E 203 12.82 6.78 0.47
CA ASP E 203 12.96 7.17 -0.91
C ASP E 203 14.00 8.27 -1.05
N THR E 204 14.93 8.13 -1.98
CA THR E 204 15.94 9.17 -2.16
C THR E 204 15.32 10.42 -2.79
N ASN E 205 14.20 10.26 -3.48
CA ASN E 205 13.52 11.37 -4.14
C ASN E 205 12.04 11.40 -3.79
N GLY E 206 11.43 12.57 -3.91
CA GLY E 206 9.98 12.66 -4.01
C GLY E 206 9.53 12.21 -5.38
N ARG E 207 8.30 12.52 -5.73
CA ARG E 207 7.81 12.18 -7.03
C ARG E 207 8.69 12.84 -8.10
N THR E 208 9.33 12.02 -8.92
CA THR E 208 10.34 12.49 -9.87
C THR E 208 9.81 12.29 -11.28
N THR E 209 9.74 13.36 -12.06
CA THR E 209 9.00 13.32 -13.31
C THR E 209 9.77 13.92 -14.49
N LEU E 210 9.39 13.45 -15.68
CA LEU E 210 9.73 14.12 -16.92
C LEU E 210 8.46 14.69 -17.55
N HIS E 211 8.46 15.99 -17.87
CA HIS E 211 7.49 16.54 -18.83
C HIS E 211 8.19 16.63 -20.17
N PRO E 212 7.87 15.74 -21.10
CA PRO E 212 8.60 15.70 -22.36
C PRO E 212 8.49 17.00 -23.17
N LYS E 213 7.35 17.68 -23.04
CA LYS E 213 7.17 19.00 -23.61
C LYS E 213 6.61 19.97 -22.53
N GLU E 214 7.25 21.09 -22.31
CA GLU E 214 6.61 22.15 -21.48
C GLU E 214 5.28 22.64 -22.09
N VAL E 215 5.18 22.57 -23.41
CA VAL E 215 3.97 22.79 -24.21
C VAL E 215 2.78 21.90 -23.84
N GLU E 216 3.04 20.72 -23.29
CA GLU E 216 1.99 19.82 -22.81
C GLU E 216 2.06 19.73 -21.30
N GLN E 217 1.27 20.57 -20.63
CA GLN E 217 1.32 20.62 -19.18
C GLN E 217 0.90 19.32 -18.50
N ASN E 218 0.00 18.57 -19.13
CA ASN E 218 -0.54 17.37 -18.51
C ASN E 218 0.14 16.06 -18.85
N THR E 219 1.11 16.06 -19.77
CA THR E 219 1.84 14.83 -20.05
C THR E 219 3.03 14.70 -19.12
N VAL E 220 2.96 13.73 -18.22
CA VAL E 220 3.97 13.53 -17.19
C VAL E 220 4.36 12.05 -17.11
N ARG E 221 5.66 11.78 -16.94
CA ARG E 221 6.18 10.42 -16.80
C ARG E 221 7.03 10.30 -15.56
N ASP E 222 6.75 9.28 -14.75
CA ASP E 222 7.53 9.05 -13.53
C ASP E 222 8.83 8.29 -13.78
N PHE E 223 9.89 8.73 -13.09
CA PHE E 223 11.08 7.94 -12.85
C PHE E 223 10.83 7.01 -11.66
N PRO E 224 11.46 5.83 -11.64
CA PRO E 224 11.46 4.97 -10.46
C PRO E 224 12.42 5.48 -9.40
N ILE E 225 12.17 5.09 -8.14
CA ILE E 225 12.82 5.72 -7.00
C ILE E 225 13.62 4.74 -6.15
N PRO E 226 14.93 4.96 -6.00
CA PRO E 226 15.77 4.17 -5.11
C PRO E 226 15.44 4.43 -3.64
N LYS E 227 15.89 3.54 -2.77
CA LYS E 227 15.65 3.70 -1.32
C LYS E 227 16.92 3.41 -0.55
N ILE E 228 17.11 4.14 0.53
CA ILE E 228 18.21 3.91 1.45
C ILE E 228 17.75 3.93 2.91
N ARG E 229 18.50 3.23 3.74
CA ARG E 229 18.30 3.25 5.18
C ARG E 229 19.65 3.18 5.88
N ASP E 230 19.65 3.40 7.18
CA ASP E 230 20.79 2.98 7.95
C ASP E 230 20.64 1.59 8.58
N GLN F 17 26.35 -27.14 -9.62
CA GLN F 17 25.94 -27.84 -10.88
C GLN F 17 24.86 -27.05 -11.63
N TYR F 18 25.26 -26.09 -12.48
CA TYR F 18 24.28 -25.23 -13.16
C TYR F 18 24.50 -25.24 -14.68
N PRO F 19 23.42 -25.42 -15.47
CA PRO F 19 23.58 -25.11 -16.88
C PRO F 19 23.98 -23.65 -17.05
N GLN F 20 24.88 -23.39 -18.01
CA GLN F 20 25.42 -22.06 -18.23
C GLN F 20 24.64 -21.30 -19.29
N THR F 21 23.95 -22.02 -20.19
CA THR F 21 23.31 -21.39 -21.32
C THR F 21 21.98 -22.02 -21.72
N GLY F 22 21.20 -21.29 -22.51
CA GLY F 22 20.15 -21.83 -23.32
C GLY F 22 20.43 -21.52 -24.78
N THR F 23 19.61 -22.07 -25.67
CA THR F 23 19.81 -21.87 -27.10
C THR F 23 18.50 -21.43 -27.72
N TYR F 24 18.54 -20.30 -28.44
CA TYR F 24 17.41 -19.82 -29.18
C TYR F 24 17.16 -20.78 -30.36
N PRO F 25 16.00 -21.42 -30.42
CA PRO F 25 15.74 -22.32 -31.55
C PRO F 25 15.71 -21.61 -32.91
N ASP F 26 15.26 -20.38 -32.98
CA ASP F 26 15.12 -19.73 -34.29
C ASP F 26 16.45 -19.62 -35.04
N VAL F 27 17.48 -19.20 -34.33
CA VAL F 27 18.78 -18.96 -34.94
C VAL F 27 19.89 -19.87 -34.43
N GLN F 28 19.57 -20.72 -33.47
CA GLN F 28 20.55 -21.67 -32.93
C GLN F 28 21.83 -20.99 -32.41
N THR F 29 21.67 -19.87 -31.67
CA THR F 29 22.78 -19.24 -30.94
C THR F 29 22.48 -19.19 -29.43
N PRO F 30 23.51 -19.17 -28.57
CA PRO F 30 23.30 -19.28 -27.12
C PRO F 30 22.94 -17.97 -26.42
N TYR F 31 22.28 -18.07 -25.28
CA TYR F 31 22.16 -16.97 -24.34
C TYR F 31 22.59 -17.43 -22.96
N GLN F 32 23.21 -16.54 -22.19
CA GLN F 32 23.70 -16.89 -20.89
C GLN F 32 22.55 -16.88 -19.89
N ILE F 33 22.66 -17.70 -18.85
CA ILE F 33 21.74 -17.65 -17.74
C ILE F 33 22.51 -17.57 -16.43
N ILE F 34 21.94 -16.86 -15.47
CA ILE F 34 22.57 -16.64 -14.16
C ILE F 34 21.57 -16.64 -13.02
N LYS F 35 22.09 -16.66 -11.80
CA LYS F 35 21.34 -16.78 -10.58
C LYS F 35 20.30 -15.69 -10.53
N VAL F 36 19.11 -16.05 -10.04
CA VAL F 36 18.05 -15.10 -9.76
C VAL F 36 18.16 -14.61 -8.33
N ASP F 37 18.08 -13.31 -8.15
CA ASP F 37 18.21 -12.75 -6.81
CA ASP F 37 18.09 -12.61 -6.85
C ASP F 37 17.01 -13.21 -5.95
N GLY F 38 17.34 -13.65 -4.74
CA GLY F 38 16.36 -14.15 -3.79
C GLY F 38 16.10 -15.64 -3.88
N SER F 39 16.91 -16.34 -4.67
CA SER F 39 16.68 -17.77 -4.91
C SER F 39 17.69 -18.64 -4.18
N GLU F 40 18.57 -18.03 -3.39
CA GLU F 40 19.55 -18.78 -2.60
C GLU F 40 18.89 -19.59 -1.48
N LYS F 41 19.33 -20.84 -1.36
CA LYS F 41 18.82 -21.73 -0.33
C LYS F 41 19.89 -22.76 0.00
N ASN F 42 20.39 -22.72 1.23
CA ASN F 42 21.42 -23.66 1.68
C ASN F 42 22.61 -23.70 0.74
N GLY F 43 23.12 -22.53 0.39
CA GLY F 43 24.32 -22.41 -0.42
C GLY F 43 24.18 -22.72 -1.91
N GLN F 44 22.98 -23.13 -2.35
CA GLN F 44 22.70 -23.33 -3.77
C GLN F 44 21.65 -22.32 -4.21
N HIS F 45 21.59 -21.99 -5.49
CA HIS F 45 20.47 -21.18 -5.96
C HIS F 45 19.45 -22.01 -6.75
N LYS F 46 18.19 -21.65 -6.62
CA LYS F 46 17.10 -22.46 -7.13
C LYS F 46 16.55 -21.95 -8.47
N ALA F 47 17.00 -20.79 -8.93
CA ALA F 47 16.43 -20.23 -10.15
C ALA F 47 17.45 -19.48 -11.01
N LEU F 48 17.24 -19.52 -12.33
CA LEU F 48 18.17 -18.94 -13.30
C LEU F 48 17.42 -18.12 -14.33
N ASN F 49 17.96 -16.95 -14.65
CA ASN F 49 17.37 -16.06 -15.64
C ASN F 49 18.35 -15.80 -16.75
N PRO F 50 17.84 -15.60 -17.98
CA PRO F 50 18.66 -15.14 -19.08
C PRO F 50 19.35 -13.83 -18.72
N ASN F 51 20.58 -13.63 -19.19
CA ASN F 51 21.40 -12.48 -18.87
C ASN F 51 22.15 -11.99 -20.12
N PRO F 52 21.65 -10.93 -20.77
CA PRO F 52 20.49 -10.12 -20.36
C PRO F 52 19.18 -10.82 -20.67
N TYR F 53 18.10 -10.37 -20.06
CA TYR F 53 16.78 -11.02 -20.28
C TYR F 53 16.02 -10.35 -21.41
N GLU F 54 16.54 -9.24 -21.92
CA GLU F 54 16.06 -8.60 -23.14
C GLU F 54 16.82 -9.07 -24.37
N ARG F 55 16.11 -9.26 -25.48
CA ARG F 55 16.70 -9.61 -26.75
C ARG F 55 16.26 -8.64 -27.85
N VAL F 56 17.21 -8.07 -28.59
CA VAL F 56 16.88 -7.17 -29.70
C VAL F 56 16.66 -7.97 -30.96
N ILE F 57 15.45 -7.88 -31.49
CA ILE F 57 15.08 -8.58 -32.73
C ILE F 57 14.82 -7.55 -33.86
N PRO F 58 14.68 -8.03 -35.09
CA PRO F 58 14.53 -7.03 -36.17
C PRO F 58 13.32 -6.11 -36.00
N GLU F 59 12.27 -6.59 -35.33
CA GLU F 59 11.04 -5.83 -35.17
C GLU F 59 10.98 -5.01 -33.90
N GLY F 60 12.00 -5.14 -33.04
CA GLY F 60 12.02 -4.39 -31.78
C GLY F 60 12.77 -5.14 -30.69
N THR F 61 12.16 -5.25 -29.53
CA THR F 61 12.79 -5.87 -28.37
C THR F 61 11.79 -6.78 -27.69
N LEU F 62 12.23 -7.95 -27.27
CA LEU F 62 11.43 -8.78 -26.43
C LEU F 62 12.21 -9.22 -25.18
N SER F 63 11.49 -9.67 -24.16
CA SER F 63 12.11 -10.05 -22.90
C SER F 63 11.30 -11.07 -22.15
N LYS F 64 12.00 -11.90 -21.37
CA LYS F 64 11.34 -12.80 -20.45
C LYS F 64 12.24 -13.09 -19.26
N ARG F 65 11.67 -13.07 -18.04
CA ARG F 65 12.42 -13.38 -16.83
C ARG F 65 11.49 -13.79 -15.70
N ILE F 66 12.04 -14.47 -14.72
CA ILE F 66 11.47 -14.51 -13.39
C ILE F 66 11.70 -13.16 -12.77
N TYR F 67 10.62 -12.47 -12.42
CA TYR F 67 10.74 -11.09 -11.93
C TYR F 67 10.50 -10.98 -10.43
N GLN F 68 9.98 -12.04 -9.82
CA GLN F 68 9.93 -12.11 -8.36
C GLN F 68 9.81 -13.54 -7.87
N VAL F 69 10.31 -13.74 -6.67
CA VAL F 69 10.16 -14.97 -5.94
C VAL F 69 8.98 -14.81 -4.97
N ASN F 70 7.89 -15.52 -5.19
CA ASN F 70 6.70 -15.37 -4.37
C ASN F 70 6.79 -16.20 -3.10
N ASN F 71 7.35 -17.40 -3.23
CA ASN F 71 7.56 -18.28 -2.09
C ASN F 71 8.63 -19.30 -2.43
N LEU F 72 9.85 -19.06 -1.92
CA LEU F 72 11.01 -19.83 -2.36
C LEU F 72 10.87 -21.31 -2.00
N ASP F 73 10.50 -21.56 -0.75
CA ASP F 73 10.38 -22.94 -0.27
C ASP F 73 9.33 -23.72 -1.02
N ASP F 74 8.26 -23.06 -1.45
CA ASP F 74 7.22 -23.73 -2.20
C ASP F 74 7.37 -23.61 -3.72
N ASN F 75 8.51 -23.06 -4.17
CA ASN F 75 8.83 -22.95 -5.60
C ASN F 75 7.78 -22.17 -6.39
N GLN F 76 7.39 -21.01 -5.87
CA GLN F 76 6.45 -20.14 -6.54
C GLN F 76 7.13 -18.87 -6.98
N TYR F 77 6.87 -18.50 -8.22
CA TYR F 77 7.60 -17.42 -8.88
C TYR F 77 6.66 -16.61 -9.78
N GLY F 78 6.93 -15.32 -9.91
CA GLY F 78 6.29 -14.52 -10.94
C GLY F 78 7.13 -14.47 -12.22
N ILE F 79 6.45 -14.56 -13.36
CA ILE F 79 7.09 -14.53 -14.68
C ILE F 79 6.65 -13.27 -15.41
N GLU F 80 7.54 -12.66 -16.17
CA GLU F 80 7.26 -11.41 -16.89
C GLU F 80 7.75 -11.54 -18.32
N LEU F 81 6.87 -11.20 -19.26
CA LEU F 81 7.26 -11.04 -20.68
C LEU F 81 7.03 -9.62 -21.12
N THR F 82 7.91 -9.09 -21.97
CA THR F 82 7.66 -7.80 -22.61
C THR F 82 7.97 -7.85 -24.09
N VAL F 83 7.34 -6.93 -24.82
CA VAL F 83 7.53 -6.77 -26.25
C VAL F 83 7.42 -5.27 -26.59
N SER F 84 8.31 -4.78 -27.43
CA SER F 84 8.20 -3.44 -27.97
C SER F 84 8.53 -3.46 -29.44
N GLY F 85 8.02 -2.48 -30.19
CA GLY F 85 8.06 -2.54 -31.63
C GLY F 85 8.98 -1.53 -32.30
N LYS F 86 8.68 -1.27 -33.56
CA LYS F 86 9.48 -0.39 -34.38
C LYS F 86 8.58 0.29 -35.41
N THR F 87 8.74 1.60 -35.55
CA THR F 87 8.01 2.37 -36.54
C THR F 87 8.80 2.41 -37.84
N VAL F 88 8.13 2.10 -38.93
CA VAL F 88 8.77 2.07 -40.25
C VAL F 88 8.10 3.09 -41.16
N TYR F 89 8.87 3.89 -41.87
CA TYR F 89 8.33 4.77 -42.89
C TYR F 89 8.57 4.17 -44.27
N GLU F 90 7.62 4.33 -45.17
CA GLU F 90 7.62 3.61 -46.46
C GLU F 90 8.26 4.44 -47.57
N THR F 98 3.88 7.57 -45.12
CA THR F 98 3.27 6.38 -44.50
C THR F 98 4.05 5.78 -43.32
N GLU F 99 3.43 5.79 -42.13
CA GLU F 99 3.92 5.02 -41.00
C GLU F 99 3.36 3.60 -41.06
N LYS F 100 4.15 2.64 -40.63
CA LYS F 100 3.68 1.28 -40.40
C LYS F 100 4.36 0.77 -39.12
N LYS F 101 3.75 -0.20 -38.47
CA LYS F 101 4.31 -0.77 -37.26
C LYS F 101 4.87 -2.16 -37.57
N SER F 102 6.03 -2.45 -36.99
CA SER F 102 6.69 -3.74 -37.21
C SER F 102 5.92 -4.86 -36.56
N ILE F 103 5.17 -4.55 -35.53
CA ILE F 103 4.34 -5.53 -34.85
C ILE F 103 2.90 -5.13 -35.11
N GLU F 104 2.19 -5.99 -35.82
CA GLU F 104 0.93 -5.63 -36.46
C GLU F 104 0.00 -6.82 -36.34
N ASN F 105 -0.95 -6.73 -35.42
CA ASN F 105 -1.72 -7.88 -34.99
C ASN F 105 -0.80 -9.07 -34.67
N GLY F 106 0.22 -8.81 -33.89
CA GLY F 106 1.14 -9.85 -33.43
C GLY F 106 0.62 -10.71 -32.30
N THR F 107 1.26 -11.85 -32.12
CA THR F 107 0.84 -12.86 -31.18
C THR F 107 2.03 -13.41 -30.39
N ILE F 108 1.88 -13.45 -29.06
CA ILE F 108 2.78 -14.17 -28.18
C ILE F 108 2.19 -15.54 -27.86
N THR F 109 3.01 -16.58 -27.99
CA THR F 109 2.65 -17.95 -27.64
C THR F 109 3.58 -18.46 -26.54
N ASP F 110 3.03 -18.82 -25.39
CA ASP F 110 3.80 -19.09 -24.18
C ASP F 110 3.29 -20.35 -23.48
N PRO F 111 3.77 -21.53 -23.91
CA PRO F 111 3.47 -22.78 -23.25
C PRO F 111 4.16 -22.89 -21.92
N MET F 112 3.44 -23.38 -20.91
CA MET F 112 4.06 -23.71 -19.64
C MET F 112 5.06 -24.81 -19.89
N GLY F 113 6.16 -24.79 -19.16
CA GLY F 113 7.13 -25.87 -19.22
C GLY F 113 6.58 -27.13 -18.57
N GLU F 114 7.26 -28.25 -18.82
CA GLU F 114 6.95 -29.49 -18.15
C GLU F 114 7.04 -29.29 -16.64
N LEU F 115 6.02 -29.76 -15.92
CA LEU F 115 5.98 -29.68 -14.46
C LEU F 115 5.88 -28.25 -13.93
N ILE F 116 5.47 -27.32 -14.78
CA ILE F 116 5.25 -25.93 -14.35
C ILE F 116 3.75 -25.66 -14.39
N ASP F 117 3.16 -25.37 -13.22
CA ASP F 117 1.73 -25.16 -13.11
C ASP F 117 1.41 -23.66 -13.03
N LEU F 118 0.64 -23.18 -14.01
CA LEU F 118 0.15 -21.82 -14.00
C LEU F 118 -0.82 -21.66 -12.81
N GLN F 119 -0.73 -20.56 -12.08
CA GLN F 119 -1.63 -20.38 -10.94
C GLN F 119 -2.96 -19.82 -11.42
N LEU F 120 -4.04 -20.54 -11.11
CA LEU F 120 -5.37 -20.23 -11.63
C LEU F 120 -6.39 -19.93 -10.53
N GLY F 121 -5.92 -19.84 -9.30
CA GLY F 121 -6.78 -19.54 -8.16
C GLY F 121 -7.79 -20.66 -7.88
N THR F 122 -8.74 -20.38 -6.99
CA THR F 122 -9.59 -21.41 -6.41
C THR F 122 -10.42 -22.13 -7.46
N ASP F 123 -10.94 -21.39 -8.43
CA ASP F 123 -11.83 -21.98 -9.42
C ASP F 123 -11.13 -22.82 -10.48
N GLY F 124 -9.79 -22.83 -10.52
CA GLY F 124 -9.03 -23.61 -11.51
C GLY F 124 -9.21 -23.17 -12.96
N ARG F 125 -9.67 -21.94 -13.16
CA ARG F 125 -9.92 -21.39 -14.49
C ARG F 125 -9.10 -20.11 -14.69
N PHE F 126 -8.81 -19.78 -15.94
CA PHE F 126 -7.92 -18.68 -16.25
C PHE F 126 -8.72 -17.38 -16.36
N ASP F 127 -8.63 -16.56 -15.32
CA ASP F 127 -9.43 -15.34 -15.20
C ASP F 127 -8.53 -14.13 -15.24
N PRO F 128 -9.11 -12.95 -15.50
CA PRO F 128 -8.36 -11.69 -15.33
C PRO F 128 -7.55 -11.59 -14.04
N ALA F 129 -8.04 -12.19 -12.95
CA ALA F 129 -7.32 -12.17 -11.68
C ALA F 129 -6.00 -12.92 -11.71
N ASP F 130 -5.76 -13.72 -12.73
CA ASP F 130 -4.57 -14.58 -12.76
C ASP F 130 -3.42 -14.08 -13.64
N TYR F 131 -3.59 -12.90 -14.23
CA TYR F 131 -2.51 -12.27 -14.98
C TYR F 131 -2.65 -10.75 -14.92
N THR F 132 -1.58 -10.03 -15.30
CA THR F 132 -1.72 -8.64 -15.70
C THR F 132 -1.21 -8.44 -17.14
N LEU F 133 -1.91 -7.59 -17.87
CA LEU F 133 -1.44 -7.10 -19.16
C LEU F 133 -1.56 -5.58 -19.13
N THR F 134 -0.41 -4.91 -19.18
CA THR F 134 -0.31 -3.47 -19.13
C THR F 134 0.56 -2.96 -20.28
N ALA F 135 0.44 -1.68 -20.59
CA ALA F 135 1.27 -1.08 -21.63
C ALA F 135 1.78 0.31 -21.21
N ASN F 136 2.86 0.77 -21.86
CA ASN F 136 3.60 1.94 -21.36
C ASN F 136 2.95 3.26 -21.79
N ASP F 137 1.79 3.17 -22.42
CA ASP F 137 0.95 4.34 -22.62
C ASP F 137 -0.03 4.51 -21.47
N GLY F 138 0.07 3.66 -20.46
CA GLY F 138 -0.83 3.74 -19.30
C GLY F 138 -2.11 2.95 -19.49
N SER F 139 -2.20 2.15 -20.54
CA SER F 139 -3.37 1.30 -20.70
C SER F 139 -3.16 -0.04 -20.00
N ARG F 140 -4.26 -0.72 -19.73
CA ARG F 140 -4.22 -2.08 -19.23
C ARG F 140 -5.52 -2.84 -19.46
N LEU F 141 -5.49 -4.16 -19.36
CA LEU F 141 -6.71 -4.92 -19.32
C LEU F 141 -7.22 -4.99 -17.88
N GLU F 142 -8.49 -4.65 -17.71
CA GLU F 142 -9.15 -4.72 -16.41
C GLU F 142 -10.38 -5.58 -16.60
N ASN F 143 -10.36 -6.74 -15.95
CA ASN F 143 -11.39 -7.71 -16.15
C ASN F 143 -11.67 -7.96 -17.64
N GLY F 144 -10.61 -8.07 -18.43
CA GLY F 144 -10.75 -8.38 -19.86
C GLY F 144 -10.90 -7.15 -20.75
N GLN F 145 -11.24 -6.01 -20.18
CA GLN F 145 -11.53 -4.80 -20.96
C GLN F 145 -10.34 -3.84 -20.99
N ALA F 146 -10.01 -3.34 -22.17
CA ALA F 146 -8.92 -2.39 -22.28
C ALA F 146 -9.38 -1.03 -21.73
N VAL F 147 -8.61 -0.48 -20.80
CA VAL F 147 -8.91 0.83 -20.24
C VAL F 147 -7.65 1.66 -20.20
N GLY F 148 -7.80 2.96 -20.01
CA GLY F 148 -6.66 3.87 -19.89
C GLY F 148 -6.11 4.25 -21.25
N GLY F 149 -4.86 4.68 -21.24
CA GLY F 149 -4.26 5.28 -22.41
C GLY F 149 -4.51 6.80 -22.39
N PRO F 150 -3.79 7.52 -23.24
CA PRO F 150 -3.90 8.97 -23.19
C PRO F 150 -5.31 9.47 -23.50
N GLN F 151 -6.09 8.70 -24.28
CA GLN F 151 -7.46 9.04 -24.58
C GLN F 151 -8.50 8.37 -23.72
N ASN F 152 -8.04 7.58 -22.75
CA ASN F 152 -8.93 6.73 -21.97
C ASN F 152 -9.88 5.92 -22.83
N ASP F 153 -9.32 5.31 -23.87
CA ASP F 153 -10.09 4.46 -24.76
C ASP F 153 -9.48 3.04 -24.90
N GLY F 154 -8.56 2.69 -24.00
CA GLY F 154 -7.86 1.40 -24.05
C GLY F 154 -6.51 1.43 -24.78
N GLY F 155 -6.24 2.53 -25.48
CA GLY F 155 -4.92 2.77 -26.07
C GLY F 155 -4.28 1.56 -26.73
N LEU F 156 -3.03 1.26 -26.39
CA LEU F 156 -2.28 0.20 -27.08
C LEU F 156 -2.93 -1.16 -26.94
N LEU F 157 -3.79 -1.33 -25.94
CA LEU F 157 -4.36 -2.64 -25.66
C LEU F 157 -5.81 -2.79 -26.14
N LYS F 158 -6.31 -1.79 -26.87
CA LYS F 158 -7.67 -1.79 -27.43
C LYS F 158 -8.10 -3.14 -28.02
N ASN F 159 -7.19 -3.83 -28.70
CA ASN F 159 -7.53 -5.05 -29.42
C ASN F 159 -6.89 -6.30 -28.86
N ALA F 160 -6.28 -6.17 -27.69
CA ALA F 160 -5.50 -7.25 -27.15
C ALA F 160 -6.37 -8.21 -26.33
N LYS F 161 -6.03 -9.49 -26.38
CA LYS F 161 -6.69 -10.50 -25.56
C LYS F 161 -5.66 -11.44 -25.00
N VAL F 162 -5.92 -11.97 -23.81
CA VAL F 162 -5.05 -12.97 -23.18
C VAL F 162 -5.82 -14.26 -23.00
N LEU F 163 -5.35 -15.36 -23.57
CA LEU F 163 -6.10 -16.61 -23.63
C LEU F 163 -5.27 -17.73 -23.02
N TYR F 164 -5.93 -18.72 -22.45
CA TYR F 164 -5.25 -19.91 -21.98
C TYR F 164 -5.90 -21.15 -22.56
N ASP F 165 -5.07 -22.02 -23.13
CA ASP F 165 -5.54 -23.23 -23.78
C ASP F 165 -5.26 -24.37 -22.81
N THR F 166 -6.33 -24.97 -22.29
CA THR F 166 -6.24 -25.87 -21.14
C THR F 166 -5.59 -27.20 -21.47
N THR F 167 -5.63 -27.59 -22.74
CA THR F 167 -5.06 -28.87 -23.14
C THR F 167 -3.56 -28.75 -23.34
N GLU F 168 -3.16 -27.75 -24.12
CA GLU F 168 -1.75 -27.52 -24.39
C GLU F 168 -1.04 -26.82 -23.22
N LYS F 169 -1.82 -26.30 -22.28
CA LYS F 169 -1.28 -25.59 -21.12
C LYS F 169 -0.45 -24.39 -21.60
N ARG F 170 -1.11 -23.48 -22.29
CA ARG F 170 -0.45 -22.48 -23.07
C ARG F 170 -1.18 -21.15 -23.00
N ILE F 171 -0.45 -20.09 -22.67
CA ILE F 171 -0.99 -18.74 -22.75
C ILE F 171 -0.73 -18.18 -24.16
N ARG F 172 -1.69 -17.43 -24.69
CA ARG F 172 -1.47 -16.63 -25.89
C ARG F 172 -1.95 -15.21 -25.65
N VAL F 173 -1.21 -14.24 -26.18
CA VAL F 173 -1.66 -12.86 -26.23
C VAL F 173 -1.82 -12.50 -27.68
N THR F 174 -3.03 -12.11 -28.07
CA THR F 174 -3.28 -11.71 -29.45
C THR F 174 -3.55 -10.22 -29.51
N GLY F 175 -3.45 -9.65 -30.70
CA GLY F 175 -3.91 -8.26 -30.92
C GLY F 175 -2.89 -7.19 -30.58
N LEU F 176 -1.61 -7.48 -30.79
CA LEU F 176 -0.55 -6.50 -30.51
C LEU F 176 -0.21 -5.65 -31.73
N TYR F 177 -0.32 -4.34 -31.53
CA TYR F 177 0.07 -3.36 -32.55
C TYR F 177 1.04 -2.33 -31.94
N LEU F 178 2.32 -2.41 -32.31
CA LEU F 178 3.36 -1.71 -31.57
C LEU F 178 4.43 -1.17 -32.50
N GLY F 179 4.68 0.14 -32.39
CA GLY F 179 5.83 0.76 -33.05
C GLY F 179 6.89 1.13 -32.04
N THR F 180 7.73 2.07 -32.43
CA THR F 180 8.83 2.53 -31.59
C THR F 180 8.36 3.04 -30.23
N ASP F 181 9.01 2.56 -29.18
CA ASP F 181 8.71 2.96 -27.79
C ASP F 181 7.30 2.64 -27.35
N GLU F 182 6.64 1.73 -28.06
CA GLU F 182 5.37 1.20 -27.63
C GLU F 182 5.61 -0.22 -27.10
N LYS F 183 5.29 -0.42 -25.83
CA LYS F 183 5.74 -1.60 -25.08
C LYS F 183 4.62 -2.19 -24.22
N VAL F 184 4.50 -3.52 -24.25
CA VAL F 184 3.50 -4.24 -23.54
C VAL F 184 4.15 -5.25 -22.60
N THR F 185 3.58 -5.43 -21.42
CA THR F 185 4.13 -6.31 -20.38
C THR F 185 3.05 -7.28 -19.89
N LEU F 186 3.36 -8.57 -19.92
CA LEU F 186 2.52 -9.62 -19.34
C LEU F 186 3.17 -10.19 -18.08
N THR F 187 2.40 -10.35 -17.02
CA THR F 187 2.85 -11.09 -15.84
C THR F 187 1.83 -12.17 -15.47
N TYR F 188 2.34 -13.24 -14.86
CA TYR F 188 1.54 -14.29 -14.25
C TYR F 188 2.41 -15.05 -13.26
N ASN F 189 1.81 -15.96 -12.49
CA ASN F 189 2.54 -16.75 -11.49
C ASN F 189 2.52 -18.25 -11.79
N VAL F 190 3.60 -18.92 -11.39
CA VAL F 190 3.74 -20.35 -11.60
C VAL F 190 4.26 -21.02 -10.36
N ARG F 191 4.10 -22.34 -10.32
CA ARG F 191 4.62 -23.17 -9.24
C ARG F 191 5.16 -24.48 -9.78
N LEU F 192 6.31 -24.91 -9.25
CA LEU F 192 6.87 -26.18 -9.63
C LEU F 192 5.97 -27.30 -9.11
N ASN F 193 5.61 -28.22 -9.98
CA ASN F 193 4.78 -29.36 -9.59
C ASN F 193 5.47 -30.26 -8.55
N ASP F 194 4.70 -30.87 -7.64
CA ASP F 194 5.30 -31.70 -6.58
C ASP F 194 6.04 -32.95 -7.07
N GLU F 195 5.80 -33.37 -8.31
CA GLU F 195 6.49 -34.53 -8.88
C GLU F 195 7.89 -34.22 -9.42
N PHE F 196 8.43 -33.05 -9.07
CA PHE F 196 9.75 -32.66 -9.52
C PHE F 196 10.81 -33.66 -9.09
N VAL F 197 11.81 -33.83 -9.93
CA VAL F 197 13.01 -34.57 -9.57
C VAL F 197 13.98 -33.61 -8.88
N SER F 198 14.53 -34.04 -7.76
CA SER F 198 15.57 -33.28 -7.06
C SER F 198 16.75 -32.89 -7.93
N ASN F 199 17.14 -31.63 -7.81
CA ASN F 199 18.34 -31.10 -8.50
C ASN F 199 18.19 -30.85 -9.98
N LYS F 200 17.09 -31.27 -10.59
CA LYS F 200 16.90 -31.06 -11.99
C LYS F 200 16.39 -29.63 -12.21
N PHE F 201 17.01 -28.87 -13.12
CA PHE F 201 16.43 -27.60 -13.56
C PHE F 201 15.34 -27.81 -14.60
N TYR F 202 14.22 -27.12 -14.44
CA TYR F 202 13.10 -27.17 -15.37
C TYR F 202 12.91 -25.81 -16.03
N ASP F 203 12.83 -25.80 -17.35
CA ASP F 203 12.45 -24.58 -18.04
C ASP F 203 11.07 -24.14 -17.52
N THR F 204 10.90 -22.85 -17.25
CA THR F 204 9.60 -22.38 -16.80
C THR F 204 8.58 -22.40 -17.96
N ASN F 205 9.07 -22.34 -19.20
CA ASN F 205 8.19 -22.30 -20.37
C ASN F 205 8.64 -23.31 -21.42
N GLY F 206 7.71 -23.76 -22.26
CA GLY F 206 8.10 -24.39 -23.52
C GLY F 206 8.62 -23.36 -24.50
N ARG F 207 8.63 -23.70 -25.77
CA ARG F 207 9.14 -22.74 -26.75
C ARG F 207 8.25 -21.52 -26.75
N THR F 208 8.80 -20.36 -26.42
CA THR F 208 8.03 -19.14 -26.23
C THR F 208 8.34 -18.14 -27.36
N THR F 209 7.30 -17.72 -28.11
CA THR F 209 7.53 -17.01 -29.35
C THR F 209 6.71 -15.76 -29.52
N LEU F 210 7.21 -14.85 -30.36
CA LEU F 210 6.44 -13.74 -30.88
C LEU F 210 6.31 -13.93 -32.41
N HIS F 211 5.09 -13.91 -32.93
CA HIS F 211 4.84 -13.71 -34.37
C HIS F 211 4.50 -12.24 -34.54
N PRO F 212 5.43 -11.45 -35.08
CA PRO F 212 5.22 -10.01 -35.15
C PRO F 212 4.00 -9.60 -35.94
N LYS F 213 3.68 -10.36 -36.98
CA LYS F 213 2.55 -10.07 -37.86
C LYS F 213 1.74 -11.35 -38.11
N GLU F 214 0.44 -11.33 -37.89
CA GLU F 214 -0.47 -12.38 -38.37
C GLU F 214 -0.31 -12.64 -39.90
N VAL F 215 -0.04 -11.58 -40.65
CA VAL F 215 0.10 -11.65 -42.10
C VAL F 215 1.39 -12.39 -42.53
N GLU F 216 2.36 -12.52 -41.64
CA GLU F 216 3.52 -13.37 -41.89
C GLU F 216 3.50 -14.58 -40.96
N GLN F 217 2.88 -15.65 -41.40
CA GLN F 217 2.72 -16.84 -40.56
C GLN F 217 4.07 -17.47 -40.19
N ASN F 218 5.06 -17.32 -41.07
CA ASN F 218 6.34 -18.01 -40.89
C ASN F 218 7.46 -17.19 -40.24
N THR F 219 7.22 -15.92 -39.91
CA THR F 219 8.20 -15.14 -39.16
C THR F 219 7.97 -15.34 -37.67
N VAL F 220 8.96 -15.94 -37.02
CA VAL F 220 8.86 -16.32 -35.60
C VAL F 220 10.11 -15.87 -34.82
N ARG F 221 9.94 -15.31 -33.63
CA ARG F 221 11.07 -14.88 -32.80
C ARG F 221 10.97 -15.46 -31.40
N ASP F 222 12.05 -16.09 -30.95
CA ASP F 222 12.06 -16.72 -29.62
C ASP F 222 12.36 -15.76 -28.48
N PHE F 223 11.63 -15.92 -27.38
CA PHE F 223 12.01 -15.40 -26.08
C PHE F 223 13.01 -16.36 -25.41
N PRO F 224 13.93 -15.84 -24.59
CA PRO F 224 14.78 -16.68 -23.75
C PRO F 224 13.99 -17.23 -22.55
N ILE F 225 14.45 -18.35 -21.98
CA ILE F 225 13.67 -19.11 -21.01
C ILE F 225 14.37 -19.25 -19.66
N PRO F 226 13.74 -18.83 -18.58
CA PRO F 226 14.25 -19.04 -17.22
C PRO F 226 14.15 -20.49 -16.81
N LYS F 227 14.88 -20.88 -15.76
CA LYS F 227 14.81 -22.23 -15.22
C LYS F 227 14.69 -22.21 -13.69
N ILE F 228 14.00 -23.22 -13.15
CA ILE F 228 13.90 -23.40 -11.71
C ILE F 228 14.02 -24.88 -11.31
N ARG F 229 14.41 -25.09 -10.07
CA ARG F 229 14.52 -26.41 -9.49
C ARG F 229 14.22 -26.32 -8.00
N ASP F 230 14.05 -27.46 -7.36
CA ASP F 230 14.12 -27.46 -5.92
C ASP F 230 15.49 -27.94 -5.43
#